data_5DOZ
#
_entry.id   5DOZ
#
_cell.length_a   110.702
_cell.length_b   110.702
_cell.length_c   92.826
_cell.angle_alpha   90.00
_cell.angle_beta   90.00
_cell.angle_gamma   120.00
#
_symmetry.space_group_name_H-M   'P 31'
#
loop_
_entity.id
_entity.type
_entity.pdbx_description
1 polymer JamJ
2 non-polymer 'ACETATE ION'
3 non-polymer 'NADPH DIHYDRO-NICOTINAMIDE-ADENINE-DINUCLEOTIDE PHOSPHATE'
4 water water
#
_entity_poly.entity_id   1
_entity_poly.type   'polypeptide(L)'
_entity_poly.pdbx_seq_one_letter_code
;SNATTSQPVQLKIASYGLLKNLTWVSLENQVPGVGEVKVQIQAVPVNFRDILNALGMLQEHNQTKLGITSVDHLTFGFEA
VGVIVGVGLGVSQWQIGDEVMVIGCHDAFSSFIICSPNNLVAKPANLKLIEAATIPIPFFTAYHGLYNLAKIQSGERVLI
HAASGGTGQAAIQLAQFWGAEVFATTSPQKMAVLREQGIKHVMNSRTTEFANEIRELTQGKGVDVIFNSLTHGEYIQKNL
DVLALEGRYIEISKRKIWSHSQVAQKRSDIKYFPFDLLEEFNRDNQLYYQIWKKLIQCFENKELHPLVYKTFPNEDIVEA
FRYLQRSKHIGRVVVTMP
;
_entity_poly.pdbx_strand_id   A,B,C
#
loop_
_chem_comp.id
_chem_comp.type
_chem_comp.name
_chem_comp.formula
ACT non-polymer 'ACETATE ION' 'C2 H3 O2 -1'
NDP non-polymer 'NADPH DIHYDRO-NICOTINAMIDE-ADENINE-DINUCLEOTIDE PHOSPHATE' 'C21 H30 N7 O17 P3'
#
# COMPACT_ATOMS: atom_id res chain seq x y z
N GLN A 7 -18.82 -1.73 -27.54
CA GLN A 7 -18.86 -1.98 -29.02
C GLN A 7 -17.53 -2.56 -29.50
N PRO A 8 -17.58 -3.52 -30.45
CA PRO A 8 -16.37 -4.08 -31.06
C PRO A 8 -15.51 -3.03 -31.77
N VAL A 9 -14.20 -3.11 -31.57
CA VAL A 9 -13.27 -2.10 -32.12
C VAL A 9 -11.99 -2.72 -32.70
N GLN A 10 -11.31 -1.94 -33.55
CA GLN A 10 -10.04 -2.34 -34.13
C GLN A 10 -9.04 -1.17 -34.07
N LEU A 11 -7.78 -1.48 -33.80
CA LEU A 11 -6.75 -0.44 -33.75
C LEU A 11 -6.27 -0.10 -35.15
N LYS A 12 -6.32 1.20 -35.46
CA LYS A 12 -5.94 1.70 -36.78
C LYS A 12 -5.12 2.98 -36.64
N ILE A 13 -4.44 3.36 -37.72
CA ILE A 13 -3.72 4.61 -37.77
C ILE A 13 -4.00 5.27 -39.12
N ALA A 14 -4.42 6.53 -39.10
CA ALA A 14 -4.84 7.22 -40.32
C ALA A 14 -3.67 7.75 -41.16
N SER A 15 -2.49 7.75 -40.55
CA SER A 15 -1.25 8.11 -41.23
C SER A 15 -0.04 7.67 -40.41
N TYR A 16 1.06 7.36 -41.10
CA TYR A 16 2.29 6.87 -40.48
C TYR A 16 3.05 7.96 -39.69
N GLY A 17 4.00 7.52 -38.85
CA GLY A 17 5.01 8.43 -38.30
C GLY A 17 4.88 8.92 -36.87
N LEU A 18 3.66 8.93 -36.33
CA LEU A 18 3.40 9.44 -34.97
C LEU A 18 2.45 8.50 -34.20
N LEU A 19 2.80 8.18 -32.96
CA LEU A 19 2.01 7.23 -32.16
C LEU A 19 0.68 7.80 -31.68
N LYS A 20 0.62 9.13 -31.61
CA LYS A 20 -0.56 9.86 -31.14
C LYS A 20 -1.83 9.50 -31.90
N ASN A 21 -1.68 9.17 -33.19
CA ASN A 21 -2.82 8.91 -34.07
C ASN A 21 -3.34 7.47 -34.07
N LEU A 22 -2.91 6.68 -33.08
CA LEU A 22 -3.45 5.33 -32.88
C LEU A 22 -4.87 5.44 -32.33
N THR A 23 -5.83 4.93 -33.10
CA THR A 23 -7.24 5.11 -32.79
C THR A 23 -7.98 3.78 -32.86
N TRP A 24 -8.91 3.59 -31.93
CA TRP A 24 -9.84 2.46 -31.97
C TRP A 24 -11.04 2.84 -32.84
N VAL A 25 -11.14 2.19 -34.00
CA VAL A 25 -12.22 2.43 -34.96
C VAL A 25 -13.21 1.26 -34.91
N SER A 26 -14.47 1.54 -35.26
CA SER A 26 -15.52 0.53 -35.33
C SER A 26 -15.10 -0.71 -36.10
N LEU A 27 -15.41 -1.88 -35.54
CA LEU A 27 -15.11 -3.15 -36.20
C LEU A 27 -16.39 -3.90 -36.51
N GLU A 28 -16.62 -4.19 -37.79
CA GLU A 28 -17.82 -4.90 -38.18
C GLU A 28 -17.69 -6.40 -37.94
N ASN A 29 -18.80 -7.01 -37.54
CA ASN A 29 -18.84 -8.43 -37.24
C ASN A 29 -18.40 -9.28 -38.43
N GLN A 30 -17.67 -10.34 -38.13
CA GLN A 30 -17.21 -11.28 -39.15
C GLN A 30 -17.56 -12.69 -38.68
N VAL A 31 -17.91 -13.55 -39.63
CA VAL A 31 -18.34 -14.91 -39.32
C VAL A 31 -17.24 -15.87 -39.73
N PRO A 32 -16.90 -16.83 -38.85
CA PRO A 32 -15.87 -17.80 -39.22
C PRO A 32 -16.38 -18.75 -40.30
N GLY A 33 -15.70 -18.76 -41.44
CA GLY A 33 -16.05 -19.66 -42.54
C GLY A 33 -15.38 -21.02 -42.36
N VAL A 34 -15.35 -21.82 -43.43
CA VAL A 34 -14.74 -23.14 -43.41
C VAL A 34 -13.26 -23.06 -43.02
N GLY A 35 -12.87 -23.89 -42.05
CA GLY A 35 -11.49 -23.92 -41.57
C GLY A 35 -11.07 -22.70 -40.76
N GLU A 36 -12.06 -21.99 -40.22
CA GLU A 36 -11.78 -20.73 -39.50
C GLU A 36 -12.35 -20.74 -38.10
N VAL A 37 -11.69 -20.00 -37.22
CA VAL A 37 -12.11 -19.86 -35.84
C VAL A 37 -12.25 -18.38 -35.50
N LYS A 38 -13.33 -18.05 -34.78
CA LYS A 38 -13.53 -16.70 -34.25
C LYS A 38 -13.12 -16.67 -32.78
N VAL A 39 -12.22 -15.77 -32.43
CA VAL A 39 -11.71 -15.67 -31.06
C VAL A 39 -12.00 -14.29 -30.47
N GLN A 40 -12.57 -14.28 -29.26
CA GLN A 40 -12.76 -13.04 -28.51
C GLN A 40 -11.46 -12.66 -27.82
N ILE A 41 -10.87 -11.55 -28.24
CA ILE A 41 -9.56 -11.12 -27.75
C ILE A 41 -9.66 -10.52 -26.34
N GLN A 42 -8.78 -10.95 -25.44
CA GLN A 42 -8.85 -10.49 -24.05
C GLN A 42 -7.61 -9.72 -23.56
N ALA A 43 -6.43 -10.04 -24.12
CA ALA A 43 -5.20 -9.30 -23.78
C ALA A 43 -4.17 -9.44 -24.91
N VAL A 44 -3.51 -8.33 -25.25
CA VAL A 44 -2.61 -8.28 -26.40
C VAL A 44 -1.30 -7.59 -26.02
N PRO A 45 -0.17 -8.29 -26.18
CA PRO A 45 1.09 -7.60 -25.96
C PRO A 45 1.47 -6.71 -27.14
N VAL A 46 2.12 -5.59 -26.83
CA VAL A 46 2.68 -4.72 -27.86
C VAL A 46 4.01 -5.34 -28.27
N ASN A 47 4.19 -5.56 -29.58
CA ASN A 47 5.43 -6.10 -30.09
C ASN A 47 6.29 -5.00 -30.70
N PHE A 48 7.59 -5.26 -30.77
CA PHE A 48 8.54 -4.32 -31.36
C PHE A 48 8.14 -3.94 -32.78
N ARG A 49 7.70 -4.92 -33.55
CA ARG A 49 7.25 -4.68 -34.93
C ARG A 49 5.98 -3.82 -35.03
N ASP A 50 5.14 -3.84 -33.98
CA ASP A 50 3.95 -2.98 -33.94
C ASP A 50 4.34 -1.50 -33.98
N ILE A 51 5.38 -1.16 -33.21
CA ILE A 51 5.89 0.22 -33.15
C ILE A 51 6.48 0.64 -34.49
N LEU A 52 7.29 -0.23 -35.08
CA LEU A 52 7.86 0.00 -36.41
C LEU A 52 6.79 0.34 -37.43
N ASN A 53 5.72 -0.46 -37.46
CA ASN A 53 4.57 -0.20 -38.34
C ASN A 53 3.88 1.12 -38.05
N ALA A 54 3.73 1.46 -36.77
CA ALA A 54 3.10 2.70 -36.36
C ALA A 54 3.89 3.92 -36.85
N LEU A 55 5.22 3.78 -36.89
CA LEU A 55 6.09 4.84 -37.39
C LEU A 55 6.30 4.74 -38.91
N GLY A 56 5.77 3.67 -39.50
CA GLY A 56 5.80 3.46 -40.94
C GLY A 56 7.16 3.09 -41.47
N MET A 57 7.77 2.08 -40.86
CA MET A 57 9.15 1.70 -41.17
C MET A 57 9.28 0.32 -41.78
N LEU A 58 8.15 -0.29 -42.13
CA LEU A 58 8.15 -1.58 -42.82
C LEU A 58 7.23 -1.53 -44.05
N GLN A 59 7.14 -0.35 -44.66
CA GLN A 59 6.22 -0.10 -45.77
C GLN A 59 6.48 -0.97 -47.00
N GLU A 60 7.75 -1.22 -47.31
CA GLU A 60 8.09 -2.07 -48.43
C GLU A 60 7.83 -3.53 -48.08
N HIS A 61 8.37 -3.95 -46.94
CA HIS A 61 8.17 -5.30 -46.41
C HIS A 61 6.69 -5.69 -46.36
N ASN A 62 5.86 -4.77 -45.86
CA ASN A 62 4.41 -4.98 -45.81
C ASN A 62 3.72 -4.98 -47.18
N GLN A 63 4.30 -4.28 -48.15
CA GLN A 63 3.78 -4.26 -49.52
C GLN A 63 4.20 -5.49 -50.31
N THR A 64 5.44 -5.93 -50.11
CA THR A 64 5.99 -7.05 -50.87
C THR A 64 5.50 -8.40 -50.33
N LYS A 65 5.71 -8.63 -49.03
CA LYS A 65 5.40 -9.92 -48.41
C LYS A 65 3.92 -10.05 -48.04
N LEU A 66 3.26 -8.90 -47.84
CA LEU A 66 1.82 -8.87 -47.59
C LEU A 66 1.17 -7.93 -48.61
N GLY A 67 -0.13 -7.71 -48.51
CA GLY A 67 -0.83 -6.86 -49.49
C GLY A 67 -1.11 -5.45 -49.03
N ILE A 68 -0.37 -4.99 -48.01
CA ILE A 68 -0.58 -3.66 -47.45
C ILE A 68 -0.05 -2.57 -48.38
N THR A 69 -0.96 -1.89 -49.06
CA THR A 69 -0.60 -0.83 -50.00
C THR A 69 -0.69 0.55 -49.36
N SER A 70 -1.65 0.73 -48.46
CA SER A 70 -1.85 2.00 -47.79
C SER A 70 -1.91 1.80 -46.28
N VAL A 71 -1.82 2.92 -45.55
CA VAL A 71 -1.93 2.94 -44.10
C VAL A 71 -3.29 2.45 -43.62
N ASP A 72 -4.31 2.66 -44.45
CA ASP A 72 -5.69 2.25 -44.16
C ASP A 72 -5.86 0.74 -44.07
N HIS A 73 -4.89 0.00 -44.62
CA HIS A 73 -4.94 -1.46 -44.61
C HIS A 73 -4.11 -2.07 -43.47
N LEU A 74 -3.43 -1.20 -42.70
CA LEU A 74 -2.58 -1.66 -41.61
C LEU A 74 -3.38 -1.99 -40.35
N THR A 75 -3.16 -3.19 -39.83
CA THR A 75 -3.70 -3.60 -38.54
C THR A 75 -2.52 -3.89 -37.61
N PHE A 76 -2.81 -4.09 -36.33
CA PHE A 76 -1.78 -4.27 -35.33
C PHE A 76 -2.08 -5.49 -34.49
N GLY A 77 -1.02 -6.18 -34.04
CA GLY A 77 -1.15 -7.29 -33.09
C GLY A 77 -0.77 -8.64 -33.65
N PHE A 78 0.32 -9.21 -33.12
CA PHE A 78 0.93 -10.43 -33.68
C PHE A 78 0.65 -11.69 -32.85
N GLU A 79 0.04 -11.48 -31.68
CA GLU A 79 -0.24 -12.55 -30.74
C GLU A 79 -1.29 -12.03 -29.74
N ALA A 80 -1.94 -12.95 -29.02
CA ALA A 80 -2.95 -12.59 -28.01
C ALA A 80 -3.36 -13.79 -27.17
N VAL A 81 -4.20 -13.53 -26.17
CA VAL A 81 -4.91 -14.58 -25.48
C VAL A 81 -6.40 -14.23 -25.57
N GLY A 82 -7.27 -15.23 -25.50
CA GLY A 82 -8.69 -14.99 -25.54
C GLY A 82 -9.52 -16.26 -25.44
N VAL A 83 -10.76 -16.16 -25.90
CA VAL A 83 -11.71 -17.26 -25.79
C VAL A 83 -12.41 -17.47 -27.13
N ILE A 84 -12.49 -18.73 -27.54
CA ILE A 84 -13.16 -19.11 -28.77
C ILE A 84 -14.67 -18.87 -28.66
N VAL A 85 -15.20 -18.13 -29.64
CA VAL A 85 -16.62 -17.79 -29.66
C VAL A 85 -17.33 -18.34 -30.91
N GLY A 86 -16.54 -18.83 -31.88
CA GLY A 86 -17.11 -19.38 -33.11
C GLY A 86 -16.16 -20.31 -33.84
N VAL A 87 -16.66 -21.50 -34.18
CA VAL A 87 -15.85 -22.48 -34.89
C VAL A 87 -16.50 -22.81 -36.22
N GLY A 88 -15.78 -22.60 -37.32
CA GLY A 88 -16.26 -22.92 -38.65
C GLY A 88 -16.16 -24.41 -38.92
N LEU A 89 -16.79 -24.83 -40.01
CA LEU A 89 -16.78 -26.24 -40.40
C LEU A 89 -15.40 -26.67 -40.89
N GLY A 90 -15.08 -27.94 -40.70
CA GLY A 90 -13.78 -28.46 -41.06
C GLY A 90 -12.83 -28.56 -39.89
N VAL A 91 -13.01 -27.66 -38.91
CA VAL A 91 -12.18 -27.61 -37.71
C VAL A 91 -12.69 -28.62 -36.69
N SER A 92 -11.80 -29.49 -36.23
CA SER A 92 -12.17 -30.55 -35.30
C SER A 92 -11.53 -30.44 -33.91
N GLN A 93 -10.46 -29.65 -33.80
CA GLN A 93 -9.70 -29.59 -32.55
C GLN A 93 -10.15 -28.52 -31.55
N TRP A 94 -11.14 -27.71 -31.93
CA TRP A 94 -11.57 -26.56 -31.10
C TRP A 94 -13.09 -26.46 -30.91
N GLN A 95 -13.49 -25.95 -29.75
CA GLN A 95 -14.89 -25.67 -29.45
C GLN A 95 -15.02 -24.30 -28.80
N ILE A 96 -16.20 -23.70 -28.95
CA ILE A 96 -16.59 -22.51 -28.22
C ILE A 96 -16.23 -22.68 -26.74
N GLY A 97 -15.59 -21.67 -26.16
CA GLY A 97 -15.25 -21.68 -24.74
C GLY A 97 -13.80 -21.99 -24.46
N ASP A 98 -13.13 -22.65 -25.41
CA ASP A 98 -11.70 -22.98 -25.27
C ASP A 98 -10.88 -21.70 -25.07
N GLU A 99 -10.10 -21.69 -23.99
CA GLU A 99 -9.21 -20.56 -23.72
C GLU A 99 -7.88 -20.80 -24.40
N VAL A 100 -7.52 -19.88 -25.29
CA VAL A 100 -6.44 -20.09 -26.24
C VAL A 100 -5.48 -18.92 -26.27
N MET A 101 -4.25 -19.22 -26.66
CA MET A 101 -3.29 -18.19 -27.05
C MET A 101 -3.29 -18.13 -28.57
N VAL A 102 -3.23 -16.90 -29.10
CA VAL A 102 -3.09 -16.71 -30.53
C VAL A 102 -1.62 -16.43 -30.83
N ILE A 103 -1.11 -17.00 -31.92
CA ILE A 103 0.25 -16.75 -32.36
C ILE A 103 0.28 -16.53 -33.88
N GLY A 104 0.82 -15.39 -34.29
CA GLY A 104 1.17 -15.16 -35.69
C GLY A 104 0.09 -14.56 -36.57
N CYS A 105 -0.92 -13.97 -35.96
CA CYS A 105 -1.92 -13.20 -36.68
C CYS A 105 -1.37 -11.79 -36.91
N HIS A 106 -2.12 -10.95 -37.63
CA HIS A 106 -1.69 -9.58 -37.89
C HIS A 106 -2.64 -8.52 -37.33
N ASP A 107 -3.74 -8.95 -36.73
CA ASP A 107 -4.78 -8.03 -36.27
C ASP A 107 -5.28 -8.32 -34.86
N ALA A 108 -4.38 -8.69 -33.95
CA ALA A 108 -4.77 -9.05 -32.59
C ALA A 108 -5.38 -7.89 -31.81
N PHE A 109 -4.99 -6.66 -32.16
CA PHE A 109 -5.59 -5.46 -31.56
C PHE A 109 -6.96 -5.16 -32.18
N SER A 110 -7.87 -6.10 -31.98
CA SER A 110 -9.25 -6.02 -32.43
C SER A 110 -10.05 -6.72 -31.36
N SER A 111 -11.35 -6.43 -31.27
CA SER A 111 -12.22 -7.13 -30.32
C SER A 111 -12.35 -8.62 -30.61
N PHE A 112 -12.34 -8.96 -31.90
CA PHE A 112 -12.48 -10.32 -32.37
C PHE A 112 -11.57 -10.52 -33.57
N ILE A 113 -10.98 -11.71 -33.67
CA ILE A 113 -10.22 -12.06 -34.87
C ILE A 113 -10.76 -13.33 -35.49
N ILE A 114 -10.62 -13.42 -36.81
CA ILE A 114 -10.84 -14.66 -37.53
C ILE A 114 -9.46 -15.18 -37.91
N CYS A 115 -9.16 -16.41 -37.54
CA CYS A 115 -7.88 -17.01 -37.87
C CYS A 115 -7.99 -18.52 -38.02
N SER A 116 -6.91 -19.10 -38.51
CA SER A 116 -6.76 -20.54 -38.65
C SER A 116 -6.65 -21.21 -37.29
N PRO A 117 -7.15 -22.46 -37.18
CA PRO A 117 -6.92 -23.26 -35.98
C PRO A 117 -5.46 -23.65 -35.80
N ASN A 118 -4.63 -23.44 -36.82
CA ASN A 118 -3.19 -23.71 -36.74
C ASN A 118 -2.44 -22.55 -36.06
N ASN A 119 -3.13 -21.42 -35.91
CA ASN A 119 -2.57 -20.27 -35.20
C ASN A 119 -2.96 -20.22 -33.72
N LEU A 120 -3.54 -21.32 -33.23
CA LEU A 120 -4.03 -21.38 -31.85
C LEU A 120 -3.40 -22.52 -31.07
N VAL A 121 -3.07 -22.25 -29.80
CA VAL A 121 -2.67 -23.31 -28.88
C VAL A 121 -3.48 -23.17 -27.60
N ALA A 122 -3.59 -24.27 -26.86
CA ALA A 122 -4.32 -24.26 -25.58
C ALA A 122 -3.56 -23.46 -24.54
N LYS A 123 -4.29 -22.65 -23.77
CA LYS A 123 -3.71 -21.98 -22.62
C LYS A 123 -3.45 -23.01 -21.51
N PRO A 124 -2.26 -22.94 -20.88
CA PRO A 124 -2.02 -23.75 -19.68
C PRO A 124 -2.98 -23.34 -18.56
N ALA A 125 -3.78 -24.30 -18.12
CA ALA A 125 -4.91 -24.03 -17.22
C ALA A 125 -4.52 -23.44 -15.86
N ASN A 126 -3.30 -23.75 -15.42
CA ASN A 126 -2.78 -23.23 -14.14
C ASN A 126 -2.37 -21.75 -14.19
N LEU A 127 -2.34 -21.17 -15.39
CA LEU A 127 -1.96 -19.76 -15.57
C LEU A 127 -3.17 -18.84 -15.74
N LYS A 128 -2.98 -17.56 -15.41
CA LYS A 128 -3.97 -16.53 -15.68
C LYS A 128 -3.86 -16.10 -17.13
N LEU A 129 -4.96 -15.60 -17.71
CA LEU A 129 -4.98 -15.13 -19.10
C LEU A 129 -3.83 -14.17 -19.36
N ILE A 130 -3.66 -13.22 -18.44
CA ILE A 130 -2.67 -12.15 -18.57
C ILE A 130 -1.23 -12.68 -18.50
N GLU A 131 -1.01 -13.68 -17.64
CA GLU A 131 0.28 -14.38 -17.57
C GLU A 131 0.60 -15.11 -18.88
N ALA A 132 -0.40 -15.77 -19.45
CA ALA A 132 -0.24 -16.52 -20.69
C ALA A 132 0.03 -15.63 -21.89
N ALA A 133 -0.36 -14.37 -21.79
CA ALA A 133 -0.11 -13.37 -22.85
C ALA A 133 1.38 -13.04 -23.03
N THR A 134 2.20 -13.39 -22.04
CA THR A 134 3.65 -13.16 -22.11
C THR A 134 4.42 -14.30 -22.78
N ILE A 135 3.71 -15.32 -23.25
CA ILE A 135 4.36 -16.56 -23.71
C ILE A 135 4.66 -16.69 -25.22
N PRO A 136 3.64 -16.50 -26.10
CA PRO A 136 3.77 -16.99 -27.49
C PRO A 136 5.01 -16.52 -28.25
N ILE A 137 5.05 -15.28 -28.72
CA ILE A 137 6.18 -14.81 -29.50
C ILE A 137 7.54 -14.97 -28.79
N PRO A 138 7.66 -14.52 -27.52
CA PRO A 138 8.95 -14.65 -26.85
C PRO A 138 9.45 -16.10 -26.76
N PHE A 139 8.65 -17.00 -26.20
CA PHE A 139 9.05 -18.38 -26.00
C PHE A 139 9.15 -19.21 -27.27
N PHE A 140 8.22 -19.02 -28.21
CA PHE A 140 8.28 -19.72 -29.50
C PHE A 140 9.47 -19.28 -30.34
N THR A 141 9.81 -17.98 -30.30
CA THR A 141 10.99 -17.48 -30.99
C THR A 141 12.26 -18.00 -30.31
N ALA A 142 12.31 -17.91 -28.99
CA ALA A 142 13.46 -18.37 -28.21
C ALA A 142 13.65 -19.87 -28.40
N TYR A 143 12.57 -20.64 -28.31
CA TYR A 143 12.65 -22.08 -28.49
C TYR A 143 13.15 -22.45 -29.87
N HIS A 144 12.51 -21.90 -30.92
CA HIS A 144 12.89 -22.23 -32.29
C HIS A 144 14.36 -21.91 -32.55
N GLY A 145 14.77 -20.70 -32.21
CA GLY A 145 16.15 -20.26 -32.39
C GLY A 145 17.17 -21.12 -31.68
N LEU A 146 17.00 -21.26 -30.36
CA LEU A 146 17.94 -21.99 -29.51
C LEU A 146 17.93 -23.51 -29.69
N TYR A 147 16.74 -24.11 -29.73
CA TYR A 147 16.61 -25.57 -29.77
C TYR A 147 16.43 -26.13 -31.18
N ASN A 148 15.41 -25.67 -31.91
CA ASN A 148 15.14 -26.17 -33.25
C ASN A 148 16.28 -25.93 -34.24
N LEU A 149 16.88 -24.75 -34.17
CA LEU A 149 17.97 -24.39 -35.08
C LEU A 149 19.34 -24.68 -34.48
N ALA A 150 19.70 -23.94 -33.44
CA ALA A 150 21.04 -24.04 -32.81
C ALA A 150 21.28 -25.31 -32.01
N LYS A 151 20.21 -26.01 -31.62
CA LYS A 151 20.31 -27.27 -30.88
C LYS A 151 21.25 -27.18 -29.67
N ILE A 152 21.08 -26.13 -28.88
CA ILE A 152 21.91 -25.89 -27.70
C ILE A 152 21.85 -27.05 -26.69
N GLN A 153 23.00 -27.34 -26.07
CA GLN A 153 23.11 -28.42 -25.07
C GLN A 153 23.67 -27.88 -23.75
N SER A 154 23.49 -28.62 -22.66
CA SER A 154 24.01 -28.18 -21.36
C SER A 154 25.54 -28.15 -21.36
N GLY A 155 26.10 -27.20 -20.62
CA GLY A 155 27.55 -27.02 -20.59
C GLY A 155 28.04 -26.05 -21.64
N GLU A 156 27.16 -25.72 -22.58
CA GLU A 156 27.49 -24.77 -23.64
C GLU A 156 27.23 -23.35 -23.16
N ARG A 157 28.00 -22.41 -23.70
CA ARG A 157 27.87 -21.01 -23.31
C ARG A 157 27.10 -20.25 -24.38
N VAL A 158 26.09 -19.50 -23.94
CA VAL A 158 25.23 -18.74 -24.84
C VAL A 158 25.20 -17.26 -24.48
N LEU A 159 25.34 -16.41 -25.50
CA LEU A 159 25.15 -14.97 -25.32
C LEU A 159 23.77 -14.55 -25.80
N ILE A 160 23.03 -13.86 -24.93
CA ILE A 160 21.74 -13.30 -25.28
C ILE A 160 21.81 -11.77 -25.15
N HIS A 161 21.67 -11.06 -26.27
CA HIS A 161 21.70 -9.60 -26.30
C HIS A 161 20.38 -8.96 -25.89
N ALA A 162 20.45 -7.75 -25.35
CA ALA A 162 19.23 -6.97 -25.02
C ALA A 162 18.23 -7.86 -24.27
N ALA A 163 18.72 -8.52 -23.23
CA ALA A 163 18.05 -9.65 -22.61
C ALA A 163 16.93 -9.26 -21.63
N SER A 164 16.66 -7.97 -21.51
CA SER A 164 15.58 -7.48 -20.66
C SER A 164 14.25 -7.42 -21.41
N GLY A 165 14.30 -7.51 -22.73
CA GLY A 165 13.08 -7.48 -23.55
C GLY A 165 12.33 -8.80 -23.50
N GLY A 166 11.25 -8.92 -24.27
CA GLY A 166 10.42 -10.12 -24.28
C GLY A 166 11.15 -11.37 -24.73
N THR A 167 11.67 -11.33 -25.95
CA THR A 167 12.39 -12.47 -26.53
C THR A 167 13.64 -12.87 -25.73
N GLY A 168 14.38 -11.88 -25.25
CA GLY A 168 15.59 -12.13 -24.49
C GLY A 168 15.30 -12.77 -23.14
N GLN A 169 14.23 -12.30 -22.50
CA GLN A 169 13.79 -12.84 -21.22
C GLN A 169 13.37 -14.31 -21.31
N ALA A 170 12.69 -14.68 -22.40
CA ALA A 170 12.30 -16.07 -22.61
C ALA A 170 13.53 -16.94 -22.84
N ALA A 171 14.43 -16.47 -23.70
CA ALA A 171 15.68 -17.18 -23.99
C ALA A 171 16.50 -17.42 -22.73
N ILE A 172 16.55 -16.43 -21.84
CA ILE A 172 17.16 -16.59 -20.52
C ILE A 172 16.58 -17.83 -19.82
N GLN A 173 15.27 -17.84 -19.60
CA GLN A 173 14.58 -18.96 -18.96
C GLN A 173 14.89 -20.30 -19.63
N LEU A 174 14.85 -20.33 -20.96
CA LEU A 174 15.10 -21.56 -21.69
C LEU A 174 16.55 -22.03 -21.55
N ALA A 175 17.49 -21.12 -21.75
CA ALA A 175 18.92 -21.46 -21.68
C ALA A 175 19.31 -22.03 -20.32
N GLN A 176 18.84 -21.40 -19.24
CA GLN A 176 19.15 -21.84 -17.87
C GLN A 176 18.52 -23.19 -17.54
N PHE A 177 17.26 -23.37 -17.93
CA PHE A 177 16.56 -24.64 -17.73
C PHE A 177 17.19 -25.77 -18.54
N TRP A 178 17.84 -25.43 -19.65
CA TRP A 178 18.54 -26.41 -20.46
C TRP A 178 20.00 -26.62 -20.02
N GLY A 179 20.41 -25.94 -18.96
CA GLY A 179 21.73 -26.16 -18.36
C GLY A 179 22.88 -25.42 -19.01
N ALA A 180 22.57 -24.55 -19.97
CA ALA A 180 23.56 -23.70 -20.63
C ALA A 180 24.03 -22.59 -19.70
N GLU A 181 25.21 -22.05 -20.00
CA GLU A 181 25.81 -20.95 -19.24
C GLU A 181 25.50 -19.63 -19.94
N VAL A 182 24.68 -18.80 -19.31
CA VAL A 182 24.19 -17.56 -19.91
C VAL A 182 25.15 -16.39 -19.74
N PHE A 183 25.39 -15.67 -20.84
CA PHE A 183 26.08 -14.39 -20.84
C PHE A 183 25.08 -13.34 -21.34
N ALA A 184 24.74 -12.40 -20.48
CA ALA A 184 23.70 -11.42 -20.83
C ALA A 184 24.25 -10.00 -21.00
N THR A 185 23.62 -9.24 -21.87
CA THR A 185 23.88 -7.80 -21.97
C THR A 185 22.56 -7.06 -21.83
N THR A 186 22.60 -5.91 -21.15
CA THR A 186 21.43 -5.07 -20.94
C THR A 186 21.87 -3.62 -20.68
N SER A 187 20.91 -2.70 -20.61
CA SER A 187 21.22 -1.31 -20.27
C SER A 187 21.60 -1.19 -18.79
N PRO A 188 22.43 -0.18 -18.44
CA PRO A 188 22.94 -0.05 -17.06
C PRO A 188 21.87 -0.10 -15.98
N GLN A 189 20.76 0.63 -16.15
CA GLN A 189 19.72 0.66 -15.12
C GLN A 189 18.88 -0.62 -15.02
N LYS A 190 19.11 -1.58 -15.91
CA LYS A 190 18.43 -2.88 -15.84
C LYS A 190 19.35 -4.00 -15.36
N MET A 191 20.61 -3.67 -15.12
CA MET A 191 21.63 -4.68 -14.81
C MET A 191 21.41 -5.42 -13.50
N ALA A 192 20.98 -4.71 -12.46
CA ALA A 192 20.70 -5.33 -11.16
C ALA A 192 19.61 -6.40 -11.28
N VAL A 193 18.48 -6.05 -11.88
CA VAL A 193 17.35 -6.97 -12.05
C VAL A 193 17.75 -8.27 -12.75
N LEU A 194 18.58 -8.18 -13.78
CA LEU A 194 19.05 -9.36 -14.51
C LEU A 194 20.07 -10.17 -13.70
N ARG A 195 20.92 -9.47 -12.96
CA ARG A 195 21.82 -10.12 -12.00
C ARG A 195 20.99 -10.87 -10.95
N GLU A 196 19.93 -10.22 -10.47
CA GLU A 196 19.00 -10.80 -9.49
C GLU A 196 18.07 -11.90 -10.06
N GLN A 197 18.06 -12.04 -11.39
CA GLN A 197 17.28 -13.11 -12.03
C GLN A 197 18.03 -14.45 -11.98
N GLY A 198 19.34 -14.40 -11.76
CA GLY A 198 20.17 -15.59 -11.65
C GLY A 198 21.27 -15.67 -12.70
N ILE A 199 21.75 -14.50 -13.13
CA ILE A 199 22.73 -14.42 -14.20
C ILE A 199 24.07 -13.89 -13.69
N LYS A 200 25.11 -14.72 -13.82
CA LYS A 200 26.46 -14.41 -13.34
C LYS A 200 27.18 -13.36 -14.19
N HIS A 201 26.93 -13.38 -15.50
CA HIS A 201 27.61 -12.50 -16.43
C HIS A 201 26.67 -11.53 -17.12
N VAL A 202 26.56 -10.33 -16.55
CA VAL A 202 25.69 -9.28 -17.08
C VAL A 202 26.54 -8.11 -17.55
N MET A 203 26.38 -7.75 -18.82
CA MET A 203 27.19 -6.70 -19.45
C MET A 203 26.30 -5.65 -20.13
N ASN A 204 26.93 -4.73 -20.87
CA ASN A 204 26.21 -3.61 -21.47
C ASN A 204 25.79 -3.86 -22.93
N SER A 205 24.49 -3.87 -23.18
CA SER A 205 23.96 -4.05 -24.54
C SER A 205 24.17 -2.80 -25.41
N ARG A 206 24.51 -1.69 -24.76
CA ARG A 206 24.58 -0.39 -25.44
C ARG A 206 25.98 -0.03 -25.91
N THR A 207 26.95 -0.90 -25.65
CA THR A 207 28.32 -0.69 -26.11
C THR A 207 28.84 -1.98 -26.73
N THR A 208 29.86 -1.86 -27.59
CA THR A 208 30.43 -3.02 -28.28
C THR A 208 31.55 -3.68 -27.49
N GLU A 209 31.88 -3.09 -26.34
CA GLU A 209 32.95 -3.61 -25.48
C GLU A 209 32.65 -4.96 -24.83
N PHE A 210 31.45 -5.51 -25.09
CA PHE A 210 31.08 -6.83 -24.57
C PHE A 210 31.98 -7.92 -25.14
N ALA A 211 32.44 -7.70 -26.37
CA ALA A 211 33.29 -8.64 -27.09
C ALA A 211 34.59 -8.94 -26.35
N ASN A 212 35.28 -7.89 -25.91
CA ASN A 212 36.52 -8.03 -25.16
C ASN A 212 36.32 -8.66 -23.79
N GLU A 213 35.23 -8.29 -23.13
CA GLU A 213 34.86 -8.85 -21.83
C GLU A 213 34.58 -10.36 -21.94
N ILE A 214 33.90 -10.76 -23.00
CA ILE A 214 33.59 -12.17 -23.21
C ILE A 214 34.87 -12.99 -23.48
N ARG A 215 35.75 -12.46 -24.33
CA ARG A 215 37.04 -13.11 -24.63
C ARG A 215 37.81 -13.45 -23.35
N GLU A 216 37.85 -12.51 -22.40
CA GLU A 216 38.59 -12.68 -21.16
C GLU A 216 37.93 -13.67 -20.19
N LEU A 217 36.62 -13.58 -20.06
CA LEU A 217 35.85 -14.51 -19.22
C LEU A 217 35.85 -15.95 -19.75
N THR A 218 36.32 -16.15 -20.99
CA THR A 218 36.28 -17.46 -21.63
C THR A 218 37.65 -17.95 -22.15
N GLN A 219 38.70 -17.16 -21.93
CA GLN A 219 40.07 -17.52 -22.37
C GLN A 219 40.19 -17.63 -23.90
N GLY A 220 39.57 -16.70 -24.62
CA GLY A 220 39.61 -16.67 -26.08
C GLY A 220 38.54 -17.53 -26.75
N LYS A 221 37.97 -18.47 -25.99
CA LYS A 221 36.99 -19.40 -26.53
C LYS A 221 35.74 -18.70 -27.05
N GLY A 222 35.23 -17.76 -26.26
CA GLY A 222 33.98 -17.10 -26.59
C GLY A 222 32.79 -17.99 -26.28
N VAL A 223 31.73 -17.83 -27.06
CA VAL A 223 30.48 -18.55 -26.82
C VAL A 223 30.12 -19.42 -28.02
N ASP A 224 29.50 -20.57 -27.73
CA ASP A 224 29.08 -21.51 -28.76
C ASP A 224 27.82 -21.05 -29.49
N VAL A 225 27.02 -20.24 -28.81
CA VAL A 225 25.74 -19.77 -29.35
C VAL A 225 25.52 -18.29 -29.04
N ILE A 226 25.13 -17.52 -30.05
CA ILE A 226 24.61 -16.17 -29.85
C ILE A 226 23.14 -16.10 -30.24
N PHE A 227 22.32 -15.52 -29.37
CA PHE A 227 20.93 -15.22 -29.66
C PHE A 227 20.84 -13.70 -29.81
N ASN A 228 20.80 -13.23 -31.06
CA ASN A 228 21.00 -11.81 -31.34
C ASN A 228 19.86 -11.10 -32.05
N SER A 229 19.66 -9.83 -31.70
CA SER A 229 18.71 -8.96 -32.40
C SER A 229 19.27 -7.55 -32.66
N LEU A 230 20.57 -7.37 -32.43
CA LEU A 230 21.21 -6.06 -32.63
C LEU A 230 22.15 -6.06 -33.83
N THR A 231 21.86 -5.20 -34.81
CA THR A 231 22.56 -5.23 -36.10
C THR A 231 23.18 -3.91 -36.55
N HIS A 232 22.98 -2.86 -35.76
CA HIS A 232 23.53 -1.53 -36.10
C HIS A 232 25.03 -1.44 -35.82
N GLY A 233 25.66 -0.37 -36.30
CA GLY A 233 27.10 -0.14 -36.11
C GLY A 233 27.95 -1.34 -36.47
N GLU A 234 28.84 -1.73 -35.55
CA GLU A 234 29.72 -2.87 -35.75
C GLU A 234 29.32 -4.06 -34.88
N TYR A 235 28.03 -4.13 -34.52
CA TYR A 235 27.50 -5.18 -33.64
C TYR A 235 27.59 -6.60 -34.21
N ILE A 236 27.36 -6.75 -35.51
CA ILE A 236 27.43 -8.08 -36.12
C ILE A 236 28.86 -8.63 -36.11
N GLN A 237 29.82 -7.78 -36.49
CA GLN A 237 31.24 -8.16 -36.50
C GLN A 237 31.73 -8.51 -35.09
N LYS A 238 31.30 -7.72 -34.10
CA LYS A 238 31.64 -7.98 -32.71
C LYS A 238 31.06 -9.31 -32.22
N ASN A 239 29.84 -9.63 -32.66
CA ASN A 239 29.23 -10.92 -32.37
C ASN A 239 30.05 -12.09 -32.96
N LEU A 240 30.49 -11.95 -34.21
CA LEU A 240 31.33 -12.97 -34.83
C LEU A 240 32.62 -13.21 -34.03
N ASP A 241 33.22 -12.14 -33.51
CA ASP A 241 34.46 -12.24 -32.73
C ASP A 241 34.31 -13.09 -31.45
N VAL A 242 33.15 -12.98 -30.79
CA VAL A 242 32.92 -13.74 -29.55
C VAL A 242 32.37 -15.15 -29.81
N LEU A 243 32.07 -15.44 -31.07
CA LEU A 243 31.52 -16.73 -31.45
C LEU A 243 32.66 -17.77 -31.55
N ALA A 244 32.51 -18.87 -30.83
CA ALA A 244 33.51 -19.94 -30.81
C ALA A 244 33.66 -20.63 -32.15
N LEU A 245 34.63 -21.54 -32.26
CA LEU A 245 34.80 -22.32 -33.48
C LEU A 245 33.58 -23.23 -33.65
N GLU A 246 32.99 -23.19 -34.84
CA GLU A 246 31.75 -23.92 -35.16
C GLU A 246 30.52 -23.28 -34.51
N GLY A 247 30.69 -22.13 -33.86
CA GLY A 247 29.59 -21.42 -33.18
C GLY A 247 28.35 -21.22 -34.04
N ARG A 248 27.22 -20.99 -33.38
CA ARG A 248 25.93 -20.85 -34.07
C ARG A 248 25.29 -19.48 -33.83
N TYR A 249 24.94 -18.81 -34.93
CA TYR A 249 24.48 -17.42 -34.89
C TYR A 249 22.98 -17.35 -35.18
N ILE A 250 22.18 -17.20 -34.12
CA ILE A 250 20.74 -16.98 -34.26
C ILE A 250 20.48 -15.47 -34.39
N GLU A 251 20.07 -15.06 -35.58
CA GLU A 251 19.73 -13.67 -35.84
C GLU A 251 18.22 -13.56 -36.03
N ILE A 252 17.57 -12.75 -35.19
CA ILE A 252 16.10 -12.58 -35.26
C ILE A 252 15.68 -11.18 -35.69
N SER A 253 16.68 -10.36 -36.02
CA SER A 253 16.50 -8.95 -36.31
C SER A 253 15.51 -8.66 -37.44
N LYS A 254 15.70 -9.32 -38.59
CA LYS A 254 14.86 -9.10 -39.78
C LYS A 254 15.02 -7.69 -40.40
N ARG A 255 16.07 -6.98 -39.99
CA ARG A 255 16.35 -5.65 -40.51
C ARG A 255 17.85 -5.51 -40.72
N LYS A 256 18.22 -5.20 -41.96
CA LYS A 256 19.63 -4.97 -42.34
C LYS A 256 20.56 -6.06 -41.79
N ILE A 257 20.28 -7.31 -42.17
CA ILE A 257 21.12 -8.44 -41.75
C ILE A 257 22.10 -8.88 -42.85
N TRP A 258 23.18 -9.53 -42.43
CA TRP A 258 24.17 -10.08 -43.35
C TRP A 258 23.61 -11.32 -44.05
N SER A 259 24.02 -11.55 -45.29
CA SER A 259 23.59 -12.72 -46.05
C SER A 259 24.50 -13.91 -45.73
N HIS A 260 24.15 -15.08 -46.24
CA HIS A 260 24.90 -16.31 -45.94
C HIS A 260 26.36 -16.33 -46.39
N SER A 261 26.65 -15.73 -47.54
CA SER A 261 28.03 -15.69 -48.05
C SER A 261 28.86 -14.62 -47.34
N GLN A 262 28.22 -13.51 -46.98
CA GLN A 262 28.86 -12.44 -46.23
C GLN A 262 29.34 -12.91 -44.86
N VAL A 263 28.58 -13.80 -44.23
CA VAL A 263 29.01 -14.43 -42.98
C VAL A 263 30.07 -15.50 -43.26
N ALA A 264 29.92 -16.20 -44.38
CA ALA A 264 30.89 -17.21 -44.82
C ALA A 264 32.25 -16.61 -45.20
N GLN A 265 32.25 -15.36 -45.65
CA GLN A 265 33.48 -14.62 -45.98
C GLN A 265 34.36 -14.43 -44.75
N LYS A 266 33.72 -14.19 -43.61
CA LYS A 266 34.44 -13.87 -42.38
C LYS A 266 34.76 -15.13 -41.56
N ARG A 267 33.74 -15.95 -41.32
CA ARG A 267 33.88 -17.13 -40.49
C ARG A 267 33.15 -18.31 -41.14
N SER A 268 33.90 -19.14 -41.85
CA SER A 268 33.32 -20.28 -42.60
C SER A 268 32.85 -21.42 -41.69
N ASP A 269 33.41 -21.47 -40.48
CA ASP A 269 33.14 -22.55 -39.54
C ASP A 269 31.75 -22.49 -38.89
N ILE A 270 31.17 -21.29 -38.85
CA ILE A 270 29.97 -21.06 -38.06
C ILE A 270 28.66 -21.30 -38.81
N LYS A 271 27.66 -21.74 -38.07
CA LYS A 271 26.33 -21.93 -38.62
C LYS A 271 25.53 -20.65 -38.42
N TYR A 272 25.03 -20.11 -39.52
CA TYR A 272 24.28 -18.86 -39.52
C TYR A 272 22.80 -19.20 -39.59
N PHE A 273 22.05 -18.78 -38.57
CA PHE A 273 20.61 -19.02 -38.51
C PHE A 273 19.79 -17.74 -38.45
N PRO A 274 19.58 -17.08 -39.60
CA PRO A 274 18.59 -16.01 -39.66
C PRO A 274 17.21 -16.62 -39.85
N PHE A 275 16.24 -16.24 -39.02
CA PHE A 275 14.89 -16.75 -39.21
C PHE A 275 13.83 -15.74 -38.80
N ASP A 276 12.71 -15.80 -39.51
CA ASP A 276 11.51 -15.03 -39.20
C ASP A 276 10.45 -16.06 -38.81
N LEU A 277 10.04 -16.05 -37.54
CA LEU A 277 9.14 -17.08 -36.99
C LEU A 277 7.87 -17.29 -37.84
N LEU A 278 7.20 -16.20 -38.20
CA LEU A 278 5.95 -16.30 -38.96
C LEU A 278 6.21 -16.77 -40.40
N GLU A 279 7.39 -16.45 -40.91
CA GLU A 279 7.87 -16.98 -42.19
C GLU A 279 8.07 -18.49 -42.11
N GLU A 280 8.56 -18.97 -40.96
CA GLU A 280 8.72 -20.41 -40.71
C GLU A 280 7.39 -21.15 -40.59
N PHE A 281 6.38 -20.49 -40.03
CA PHE A 281 5.03 -21.04 -40.00
C PHE A 281 4.42 -21.09 -41.40
N ASN A 282 4.70 -20.08 -42.21
CA ASN A 282 4.32 -20.08 -43.63
C ASN A 282 4.74 -21.33 -44.39
N ARG A 283 5.96 -21.82 -44.10
CA ARG A 283 6.48 -23.02 -44.72
C ARG A 283 5.96 -24.31 -44.07
N ASP A 284 5.75 -24.27 -42.76
CA ASP A 284 5.25 -25.41 -42.00
C ASP A 284 4.15 -24.95 -41.04
N ASN A 285 2.89 -25.21 -41.42
CA ASN A 285 1.75 -24.75 -40.63
C ASN A 285 1.56 -25.52 -39.32
N GLN A 286 2.40 -26.54 -39.12
CA GLN A 286 2.39 -27.34 -37.89
C GLN A 286 3.35 -26.80 -36.83
N LEU A 287 4.25 -25.90 -37.24
CA LEU A 287 5.34 -25.40 -36.37
C LEU A 287 4.90 -24.97 -34.97
N TYR A 288 3.81 -24.20 -34.87
CA TYR A 288 3.32 -23.74 -33.57
C TYR A 288 2.86 -24.92 -32.71
N TYR A 289 2.13 -25.86 -33.31
CA TYR A 289 1.69 -27.07 -32.62
C TYR A 289 2.88 -27.83 -32.02
N GLN A 290 3.89 -28.10 -32.84
CA GLN A 290 5.05 -28.86 -32.40
C GLN A 290 5.80 -28.19 -31.26
N ILE A 291 6.16 -26.92 -31.43
CA ILE A 291 6.87 -26.17 -30.39
C ILE A 291 6.10 -26.22 -29.08
N TRP A 292 4.80 -25.97 -29.15
CA TRP A 292 3.97 -25.91 -27.95
C TRP A 292 3.90 -27.24 -27.22
N LYS A 293 3.81 -28.33 -27.99
CA LYS A 293 3.87 -29.69 -27.44
C LYS A 293 5.16 -29.92 -26.64
N LYS A 294 6.22 -29.21 -27.01
CA LYS A 294 7.52 -29.35 -26.35
C LYS A 294 7.70 -28.33 -25.25
N LEU A 295 6.68 -27.48 -25.04
CA LEU A 295 6.76 -26.41 -24.05
C LEU A 295 5.71 -26.45 -22.95
N ILE A 296 4.50 -26.91 -23.27
CA ILE A 296 3.36 -26.82 -22.33
C ILE A 296 3.59 -27.52 -21.00
N GLN A 297 4.28 -28.65 -21.04
CA GLN A 297 4.53 -29.45 -19.84
C GLN A 297 5.47 -28.74 -18.87
N CYS A 298 6.42 -27.98 -19.40
CA CYS A 298 7.31 -27.15 -18.60
C CYS A 298 6.54 -26.06 -17.81
N PHE A 299 5.58 -25.43 -18.47
CA PHE A 299 4.73 -24.42 -17.83
C PHE A 299 3.75 -25.06 -16.85
N GLU A 300 3.30 -26.27 -17.18
CA GLU A 300 2.42 -27.06 -16.31
C GLU A 300 3.13 -27.45 -15.01
N ASN A 301 4.38 -27.89 -15.12
CA ASN A 301 5.17 -28.29 -13.96
C ASN A 301 5.93 -27.13 -13.32
N LYS A 302 5.58 -25.91 -13.73
CA LYS A 302 6.17 -24.65 -13.24
C LYS A 302 7.70 -24.63 -13.29
N GLU A 303 8.25 -25.22 -14.35
CA GLU A 303 9.67 -25.21 -14.62
C GLU A 303 10.01 -23.97 -15.47
N LEU A 304 9.08 -23.59 -16.34
CA LEU A 304 9.13 -22.29 -17.01
C LEU A 304 8.01 -21.41 -16.47
N HIS A 305 8.22 -20.11 -16.51
CA HIS A 305 7.29 -19.16 -15.92
C HIS A 305 6.93 -18.05 -16.90
N PRO A 306 5.72 -17.46 -16.73
CA PRO A 306 5.39 -16.25 -17.47
C PRO A 306 6.44 -15.17 -17.24
N LEU A 307 6.61 -14.28 -18.20
CA LEU A 307 7.56 -13.19 -18.07
C LEU A 307 7.04 -12.12 -17.10
N VAL A 308 7.96 -11.30 -16.59
CA VAL A 308 7.59 -10.08 -15.87
C VAL A 308 6.89 -9.16 -16.85
N TYR A 309 5.82 -8.51 -16.41
CA TYR A 309 5.04 -7.67 -17.30
C TYR A 309 4.44 -6.45 -16.61
N LYS A 310 4.20 -5.41 -17.40
CA LYS A 310 3.40 -4.26 -17.00
C LYS A 310 2.12 -4.26 -17.85
N THR A 311 1.01 -3.87 -17.24
CA THR A 311 -0.30 -3.85 -17.89
C THR A 311 -0.80 -2.42 -18.14
N PHE A 312 -1.42 -2.23 -19.31
CA PHE A 312 -2.13 -1.00 -19.66
C PHE A 312 -3.58 -1.32 -20.06
N PRO A 313 -4.54 -0.44 -19.69
CA PRO A 313 -5.90 -0.59 -20.25
C PRO A 313 -5.94 -0.17 -21.72
N ASN A 314 -6.91 -0.67 -22.48
CA ASN A 314 -6.98 -0.40 -23.92
C ASN A 314 -7.09 1.09 -24.25
N GLU A 315 -7.76 1.84 -23.37
CA GLU A 315 -7.98 3.28 -23.55
C GLU A 315 -6.66 4.05 -23.62
N ASP A 316 -5.62 3.51 -22.99
CA ASP A 316 -4.31 4.14 -22.97
C ASP A 316 -3.31 3.44 -23.91
N ILE A 317 -3.80 2.99 -25.06
CA ILE A 317 -2.99 2.27 -26.05
C ILE A 317 -1.73 3.05 -26.47
N VAL A 318 -1.88 4.36 -26.72
CA VAL A 318 -0.78 5.22 -27.15
C VAL A 318 0.36 5.17 -26.13
N GLU A 319 0.04 5.34 -24.85
CA GLU A 319 1.04 5.31 -23.79
C GLU A 319 1.58 3.89 -23.52
N ALA A 320 0.82 2.86 -23.90
CA ALA A 320 1.34 1.50 -23.89
C ALA A 320 2.42 1.34 -24.96
N PHE A 321 2.13 1.82 -26.17
CA PHE A 321 3.11 1.86 -27.27
C PHE A 321 4.34 2.69 -26.92
N ARG A 322 4.12 3.91 -26.43
CA ARG A 322 5.22 4.81 -26.05
C ARG A 322 6.15 4.19 -25.00
N TYR A 323 5.56 3.47 -24.05
CA TYR A 323 6.31 2.77 -23.00
C TYR A 323 7.26 1.71 -23.57
N LEU A 324 6.82 0.98 -24.59
CA LEU A 324 7.69 0.00 -25.26
C LEU A 324 8.73 0.70 -26.13
N GLN A 325 8.33 1.82 -26.75
CA GLN A 325 9.24 2.65 -27.54
C GLN A 325 10.42 3.18 -26.72
N ARG A 326 10.14 3.70 -25.53
CA ARG A 326 11.18 4.17 -24.61
C ARG A 326 12.07 3.03 -24.09
N SER A 327 11.54 1.80 -24.17
CA SER A 327 12.34 0.60 -24.02
C SER A 327 12.95 0.42 -22.61
N LYS A 328 12.33 1.04 -21.61
CA LYS A 328 12.85 0.99 -20.23
C LYS A 328 12.29 -0.21 -19.44
N HIS A 329 11.46 -1.01 -20.11
CA HIS A 329 10.76 -2.15 -19.53
C HIS A 329 11.65 -3.38 -19.39
N ILE A 330 11.27 -4.27 -18.47
CA ILE A 330 11.83 -5.60 -18.42
C ILE A 330 10.71 -6.63 -18.60
N GLY A 331 10.80 -7.41 -19.68
CA GLY A 331 9.79 -8.42 -19.99
C GLY A 331 8.81 -7.95 -21.05
N ARG A 332 7.52 -7.98 -20.70
CA ARG A 332 6.41 -7.73 -21.63
C ARG A 332 5.51 -6.56 -21.26
N VAL A 333 4.94 -5.93 -22.29
CA VAL A 333 3.96 -4.86 -22.14
C VAL A 333 2.64 -5.37 -22.72
N VAL A 334 1.61 -5.46 -21.87
CA VAL A 334 0.37 -6.15 -22.22
C VAL A 334 -0.85 -5.24 -22.09
N VAL A 335 -1.67 -5.20 -23.14
CA VAL A 335 -2.89 -4.41 -23.15
C VAL A 335 -4.10 -5.31 -22.89
N THR A 336 -4.93 -4.91 -21.92
CA THR A 336 -6.22 -5.58 -21.68
C THR A 336 -7.28 -4.99 -22.61
N MET A 337 -8.17 -5.84 -23.11
CA MET A 337 -9.24 -5.39 -24.00
C MET A 337 -10.57 -5.21 -23.25
N PRO A 338 -11.46 -4.35 -23.79
CA PRO A 338 -12.77 -4.11 -23.17
C PRO A 338 -13.83 -5.15 -23.55
N GLN B 7 -36.30 -9.88 34.62
CA GLN B 7 -37.39 -9.42 33.73
C GLN B 7 -36.98 -9.43 32.25
N PRO B 8 -37.71 -10.18 31.40
CA PRO B 8 -37.41 -10.23 29.97
C PRO B 8 -37.72 -8.93 29.22
N VAL B 9 -36.73 -8.44 28.48
CA VAL B 9 -36.91 -7.25 27.65
C VAL B 9 -36.61 -7.54 26.19
N GLN B 10 -36.96 -6.59 25.34
CA GLN B 10 -36.66 -6.62 23.92
C GLN B 10 -36.47 -5.19 23.44
N LEU B 11 -35.48 -4.98 22.58
CA LEU B 11 -35.22 -3.65 22.05
C LEU B 11 -36.21 -3.29 20.94
N LYS B 12 -36.82 -2.11 21.07
CA LYS B 12 -37.80 -1.62 20.10
C LYS B 12 -37.60 -0.12 19.87
N ILE B 13 -38.36 0.43 18.92
CA ILE B 13 -38.35 1.87 18.65
C ILE B 13 -39.77 2.33 18.28
N ALA B 14 -40.18 3.48 18.82
CA ALA B 14 -41.54 4.00 18.62
C ALA B 14 -41.78 4.50 17.19
N SER B 15 -40.79 5.21 16.65
CA SER B 15 -40.86 5.69 15.27
C SER B 15 -39.46 5.67 14.65
N TYR B 16 -39.42 5.77 13.33
CA TYR B 16 -38.16 5.79 12.60
C TYR B 16 -37.49 7.16 12.68
N GLY B 17 -36.17 7.17 12.83
CA GLY B 17 -35.40 8.41 12.68
C GLY B 17 -34.47 8.86 13.80
N LEU B 18 -34.83 8.60 15.04
CA LEU B 18 -34.04 9.07 16.18
C LEU B 18 -33.55 7.95 17.07
N LEU B 19 -32.22 7.81 17.18
CA LEU B 19 -31.61 6.74 17.98
C LEU B 19 -31.97 6.84 19.46
N LYS B 20 -32.33 8.04 19.91
CA LYS B 20 -32.81 8.25 21.29
C LYS B 20 -34.14 7.55 21.58
N ASN B 21 -34.91 7.25 20.53
CA ASN B 21 -36.20 6.57 20.67
C ASN B 21 -36.09 5.08 20.97
N LEU B 22 -34.88 4.52 20.88
CA LEU B 22 -34.62 3.12 21.21
C LEU B 22 -34.87 2.87 22.68
N THR B 23 -35.76 1.94 22.99
CA THR B 23 -36.12 1.62 24.38
C THR B 23 -36.23 0.12 24.62
N TRP B 24 -35.85 -0.31 25.82
CA TRP B 24 -36.07 -1.68 26.26
C TRP B 24 -37.51 -1.87 26.68
N VAL B 25 -38.20 -2.78 25.98
CA VAL B 25 -39.61 -3.04 26.16
C VAL B 25 -39.82 -4.46 26.73
N SER B 26 -40.80 -4.62 27.60
CA SER B 26 -41.12 -5.92 28.21
C SER B 26 -41.49 -6.95 27.13
N LEU B 27 -40.82 -8.10 27.17
CA LEU B 27 -41.03 -9.16 26.20
C LEU B 27 -41.72 -10.36 26.84
N GLU B 28 -42.82 -10.82 26.23
CA GLU B 28 -43.56 -11.94 26.79
C GLU B 28 -42.79 -13.25 26.65
N ASN B 29 -42.90 -14.09 27.67
CA ASN B 29 -42.17 -15.35 27.73
C ASN B 29 -42.46 -16.26 26.53
N GLN B 30 -41.44 -16.99 26.10
CA GLN B 30 -41.60 -17.94 25.02
C GLN B 30 -40.93 -19.26 25.32
N VAL B 31 -41.58 -20.34 24.91
CA VAL B 31 -41.11 -21.70 25.07
C VAL B 31 -40.88 -22.21 23.66
N PRO B 32 -39.78 -22.95 23.42
CA PRO B 32 -39.51 -23.43 22.07
C PRO B 32 -40.37 -24.65 21.72
N GLY B 33 -40.77 -24.74 20.45
CA GLY B 33 -41.54 -25.89 19.96
C GLY B 33 -40.69 -26.81 19.12
N VAL B 34 -41.34 -27.74 18.41
CA VAL B 34 -40.66 -28.70 17.53
C VAL B 34 -39.72 -27.98 16.55
N GLY B 35 -38.49 -28.47 16.47
CA GLY B 35 -37.47 -27.90 15.58
C GLY B 35 -36.86 -26.59 16.02
N GLU B 36 -37.15 -26.17 17.26
CA GLU B 36 -36.66 -24.89 17.76
C GLU B 36 -35.74 -25.05 18.97
N VAL B 37 -34.93 -24.02 19.20
CA VAL B 37 -34.06 -23.90 20.37
C VAL B 37 -34.31 -22.54 21.01
N LYS B 38 -34.26 -22.48 22.34
CA LYS B 38 -34.37 -21.22 23.07
C LYS B 38 -33.03 -20.80 23.68
N VAL B 39 -32.57 -19.62 23.29
CA VAL B 39 -31.26 -19.13 23.72
C VAL B 39 -31.41 -17.91 24.63
N GLN B 40 -30.74 -17.98 25.78
CA GLN B 40 -30.62 -16.84 26.68
C GLN B 40 -29.43 -16.00 26.23
N ILE B 41 -29.71 -14.77 25.80
CA ILE B 41 -28.67 -13.93 25.19
C ILE B 41 -27.80 -13.22 26.22
N GLN B 42 -26.49 -13.33 26.04
CA GLN B 42 -25.54 -12.70 26.95
C GLN B 42 -24.88 -11.44 26.37
N ALA B 43 -24.54 -11.48 25.09
CA ALA B 43 -23.94 -10.31 24.43
C ALA B 43 -24.34 -10.21 22.97
N VAL B 44 -24.54 -8.98 22.50
CA VAL B 44 -25.02 -8.73 21.15
C VAL B 44 -24.21 -7.61 20.51
N PRO B 45 -23.55 -7.90 19.38
CA PRO B 45 -22.85 -6.84 18.68
C PRO B 45 -23.78 -5.97 17.84
N VAL B 46 -23.40 -4.71 17.67
CA VAL B 46 -24.19 -3.76 16.88
C VAL B 46 -23.79 -3.90 15.42
N ASN B 47 -24.79 -4.01 14.54
CA ASN B 47 -24.55 -4.09 13.10
C ASN B 47 -25.00 -2.83 12.36
N PHE B 48 -24.28 -2.52 11.29
CA PHE B 48 -24.62 -1.42 10.39
C PHE B 48 -26.12 -1.36 10.07
N ARG B 49 -26.70 -2.51 9.77
CA ARG B 49 -28.12 -2.64 9.42
C ARG B 49 -29.04 -2.25 10.59
N ASP B 50 -28.60 -2.52 11.82
CA ASP B 50 -29.33 -2.07 13.02
C ASP B 50 -29.54 -0.56 13.01
N ILE B 51 -28.50 0.18 12.62
CA ILE B 51 -28.58 1.64 12.52
C ILE B 51 -29.56 2.07 11.43
N LEU B 52 -29.43 1.46 10.26
CA LEU B 52 -30.31 1.74 9.11
C LEU B 52 -31.77 1.40 9.39
N ASN B 53 -32.01 0.38 10.22
CA ASN B 53 -33.36 0.00 10.60
C ASN B 53 -34.00 1.03 11.53
N ALA B 54 -33.28 1.38 12.58
CA ALA B 54 -33.70 2.45 13.48
C ALA B 54 -33.98 3.76 12.72
N LEU B 55 -33.13 4.05 11.73
CA LEU B 55 -33.30 5.26 10.91
C LEU B 55 -34.38 5.12 9.82
N GLY B 56 -34.90 3.90 9.65
CA GLY B 56 -36.03 3.66 8.75
C GLY B 56 -35.67 3.67 7.29
N MET B 57 -34.44 3.25 6.98
CA MET B 57 -33.90 3.32 5.63
C MET B 57 -34.05 2.01 4.87
N LEU B 58 -34.69 1.03 5.51
CA LEU B 58 -34.91 -0.28 4.91
C LEU B 58 -36.34 -0.75 5.07
N GLN B 59 -37.26 0.21 5.18
CA GLN B 59 -38.69 -0.08 5.33
C GLN B 59 -39.25 -0.90 4.17
N GLU B 60 -38.80 -0.58 2.96
CA GLU B 60 -39.29 -1.24 1.75
C GLU B 60 -38.77 -2.68 1.63
N HIS B 61 -37.48 -2.88 1.95
CA HIS B 61 -36.89 -4.21 2.00
C HIS B 61 -37.50 -5.05 3.13
N ASN B 62 -37.69 -4.43 4.29
CA ASN B 62 -38.25 -5.11 5.45
C ASN B 62 -39.70 -5.57 5.26
N GLN B 63 -40.49 -4.76 4.54
CA GLN B 63 -41.88 -5.10 4.25
C GLN B 63 -41.99 -6.25 3.24
N THR B 64 -41.26 -6.15 2.14
CA THR B 64 -41.30 -7.14 1.08
C THR B 64 -40.59 -8.44 1.46
N LYS B 65 -39.32 -8.33 1.87
CA LYS B 65 -38.47 -9.50 2.11
C LYS B 65 -38.74 -10.19 3.45
N LEU B 66 -39.29 -9.47 4.42
CA LEU B 66 -39.52 -9.99 5.76
C LEU B 66 -40.95 -9.73 6.23
N GLY B 67 -41.25 -10.11 7.47
CA GLY B 67 -42.61 -9.97 8.01
C GLY B 67 -42.87 -8.66 8.71
N ILE B 68 -42.34 -7.56 8.16
CA ILE B 68 -42.40 -6.25 8.82
C ILE B 68 -43.20 -5.23 7.99
N THR B 69 -44.43 -4.97 8.44
CA THR B 69 -45.28 -3.98 7.78
C THR B 69 -45.32 -2.65 8.56
N SER B 70 -45.08 -2.74 9.86
CA SER B 70 -45.04 -1.56 10.71
C SER B 70 -43.83 -1.57 11.63
N VAL B 71 -43.44 -0.38 12.09
CA VAL B 71 -42.35 -0.19 13.05
C VAL B 71 -42.56 -1.05 14.31
N ASP B 72 -43.81 -1.44 14.55
CA ASP B 72 -44.20 -2.30 15.67
C ASP B 72 -43.60 -3.70 15.60
N HIS B 73 -43.46 -4.24 14.39
CA HIS B 73 -42.92 -5.61 14.22
C HIS B 73 -41.39 -5.67 14.14
N LEU B 74 -40.75 -4.51 14.02
CA LEU B 74 -39.30 -4.42 13.84
C LEU B 74 -38.53 -4.75 15.12
N THR B 75 -37.58 -5.69 14.99
CA THR B 75 -36.63 -5.99 16.07
C THR B 75 -35.21 -5.72 15.58
N PHE B 76 -34.26 -5.75 16.50
CA PHE B 76 -32.86 -5.45 16.21
C PHE B 76 -31.98 -6.63 16.58
N GLY B 77 -30.82 -6.73 15.93
CA GLY B 77 -29.80 -7.73 16.27
C GLY B 77 -29.78 -8.95 15.37
N PHE B 78 -28.65 -9.17 14.69
CA PHE B 78 -28.53 -10.22 13.67
C PHE B 78 -27.59 -11.35 14.06
N GLU B 79 -27.02 -11.23 15.24
CA GLU B 79 -26.10 -12.22 15.79
C GLU B 79 -26.00 -11.96 17.28
N ALA B 80 -25.61 -13.00 18.03
CA ALA B 80 -25.47 -12.89 19.47
C ALA B 80 -24.59 -14.01 20.02
N VAL B 81 -24.22 -13.87 21.29
CA VAL B 81 -23.56 -14.94 22.00
C VAL B 81 -24.40 -15.26 23.24
N GLY B 82 -24.57 -16.54 23.54
CA GLY B 82 -25.42 -16.93 24.65
C GLY B 82 -25.37 -18.39 25.03
N VAL B 83 -26.40 -18.83 25.74
CA VAL B 83 -26.45 -20.18 26.28
C VAL B 83 -27.85 -20.76 26.07
N ILE B 84 -27.89 -22.00 25.62
CA ILE B 84 -29.16 -22.71 25.41
C ILE B 84 -29.83 -22.98 26.75
N VAL B 85 -31.10 -22.56 26.85
CA VAL B 85 -31.92 -22.73 28.03
C VAL B 85 -33.17 -23.60 27.77
N GLY B 86 -33.43 -23.90 26.50
CA GLY B 86 -34.55 -24.76 26.11
C GLY B 86 -34.34 -25.38 24.73
N VAL B 87 -34.78 -26.63 24.57
CA VAL B 87 -34.65 -27.34 23.30
C VAL B 87 -35.96 -28.04 22.92
N GLY B 88 -36.41 -27.79 21.69
CA GLY B 88 -37.60 -28.45 21.15
C GLY B 88 -37.27 -29.84 20.63
N LEU B 89 -38.30 -30.65 20.51
CA LEU B 89 -38.19 -32.01 20.00
C LEU B 89 -37.71 -31.99 18.55
N GLY B 90 -36.89 -32.97 18.18
CA GLY B 90 -36.34 -33.05 16.83
C GLY B 90 -34.96 -32.44 16.68
N VAL B 91 -34.48 -31.81 17.75
CA VAL B 91 -33.14 -31.22 17.77
C VAL B 91 -32.21 -32.14 18.57
N SER B 92 -31.14 -32.61 17.92
CA SER B 92 -30.25 -33.61 18.50
C SER B 92 -28.92 -33.08 19.06
N GLN B 93 -28.23 -32.23 18.29
CA GLN B 93 -26.88 -31.80 18.65
C GLN B 93 -26.81 -30.69 19.70
N TRP B 94 -27.97 -30.28 20.22
CA TRP B 94 -28.04 -29.19 21.20
C TRP B 94 -28.71 -29.57 22.51
N GLN B 95 -28.06 -29.22 23.61
CA GLN B 95 -28.57 -29.49 24.95
C GLN B 95 -28.59 -28.22 25.78
N ILE B 96 -29.45 -28.20 26.81
CA ILE B 96 -29.50 -27.08 27.76
C ILE B 96 -28.13 -26.84 28.37
N GLY B 97 -27.68 -25.59 28.33
CA GLY B 97 -26.38 -25.22 28.91
C GLY B 97 -25.25 -25.19 27.90
N ASP B 98 -25.55 -25.48 26.63
CA ASP B 98 -24.55 -25.41 25.57
C ASP B 98 -24.30 -23.96 25.20
N GLU B 99 -23.02 -23.62 25.04
CA GLU B 99 -22.61 -22.25 24.74
C GLU B 99 -22.53 -22.05 23.25
N VAL B 100 -23.18 -21.00 22.75
CA VAL B 100 -23.39 -20.85 21.33
C VAL B 100 -23.09 -19.44 20.80
N MET B 101 -22.82 -19.40 19.50
CA MET B 101 -22.85 -18.16 18.75
C MET B 101 -24.09 -18.28 17.90
N VAL B 102 -24.92 -17.24 17.91
CA VAL B 102 -26.12 -17.20 17.11
C VAL B 102 -25.84 -16.31 15.90
N ILE B 103 -26.20 -16.79 14.71
CA ILE B 103 -25.99 -16.01 13.50
C ILE B 103 -27.23 -16.07 12.60
N GLY B 104 -27.60 -14.92 12.04
CA GLY B 104 -28.68 -14.86 11.08
C GLY B 104 -30.06 -14.73 11.68
N CYS B 105 -30.12 -14.37 12.96
CA CYS B 105 -31.39 -14.04 13.60
C CYS B 105 -31.73 -12.57 13.29
N HIS B 106 -32.87 -12.09 13.78
CA HIS B 106 -33.32 -10.73 13.52
C HIS B 106 -33.71 -9.99 14.81
N ASP B 107 -33.69 -10.72 15.92
CA ASP B 107 -34.14 -10.18 17.21
C ASP B 107 -33.13 -10.42 18.33
N ALA B 108 -31.84 -10.42 17.99
CA ALA B 108 -30.79 -10.74 18.96
C ALA B 108 -30.80 -9.87 20.21
N PHE B 109 -31.12 -8.58 20.06
CA PHE B 109 -31.31 -7.67 21.21
C PHE B 109 -32.61 -8.03 21.96
N SER B 110 -32.56 -9.15 22.66
CA SER B 110 -33.65 -9.69 23.46
C SER B 110 -33.01 -10.55 24.52
N SER B 111 -33.62 -10.60 25.70
CA SER B 111 -33.09 -11.43 26.79
C SER B 111 -33.02 -12.89 26.39
N PHE B 112 -34.06 -13.36 25.69
CA PHE B 112 -34.11 -14.70 25.14
C PHE B 112 -34.54 -14.61 23.69
N ILE B 113 -34.08 -15.54 22.87
CA ILE B 113 -34.62 -15.70 21.51
C ILE B 113 -35.04 -17.14 21.27
N ILE B 114 -35.90 -17.32 20.27
CA ILE B 114 -36.27 -18.64 19.79
C ILE B 114 -35.72 -18.72 18.37
N CYS B 115 -34.90 -19.72 18.09
CA CYS B 115 -34.36 -19.89 16.76
C CYS B 115 -34.30 -21.36 16.33
N SER B 116 -33.80 -21.56 15.12
CA SER B 116 -33.58 -22.88 14.54
C SER B 116 -32.19 -23.38 14.97
N PRO B 117 -32.01 -24.72 15.09
CA PRO B 117 -30.70 -25.29 15.41
C PRO B 117 -29.60 -24.85 14.44
N ASN B 118 -29.99 -24.57 13.19
CA ASN B 118 -29.04 -24.20 12.13
C ASN B 118 -28.42 -22.82 12.28
N ASN B 119 -29.06 -21.96 13.07
CA ASN B 119 -28.52 -20.63 13.37
C ASN B 119 -27.51 -20.66 14.51
N LEU B 120 -27.11 -21.86 14.93
CA LEU B 120 -26.24 -22.00 16.10
C LEU B 120 -24.95 -22.74 15.77
N VAL B 121 -23.83 -22.18 16.24
CA VAL B 121 -22.57 -22.90 16.21
C VAL B 121 -21.91 -22.78 17.58
N ALA B 122 -21.31 -23.86 18.05
CA ALA B 122 -20.63 -23.87 19.34
C ALA B 122 -19.51 -22.84 19.34
N LYS B 123 -19.35 -22.13 20.44
CA LYS B 123 -18.28 -21.14 20.52
C LYS B 123 -16.93 -21.85 20.65
N PRO B 124 -15.86 -21.25 20.10
CA PRO B 124 -14.55 -21.87 20.31
C PRO B 124 -14.32 -22.09 21.81
N ALA B 125 -13.74 -23.24 22.15
CA ALA B 125 -13.58 -23.63 23.55
C ALA B 125 -12.64 -22.71 24.33
N ASN B 126 -11.71 -22.09 23.61
CA ASN B 126 -10.64 -21.29 24.20
C ASN B 126 -10.91 -19.79 24.23
N LEU B 127 -12.14 -19.38 23.90
CA LEU B 127 -12.49 -17.97 23.88
C LEU B 127 -13.60 -17.63 24.86
N LYS B 128 -13.51 -16.45 25.46
CA LYS B 128 -14.58 -15.92 26.31
C LYS B 128 -15.76 -15.48 25.43
N LEU B 129 -16.95 -15.39 26.03
CA LEU B 129 -18.18 -15.05 25.31
C LEU B 129 -18.10 -13.74 24.55
N ILE B 130 -17.53 -12.71 25.18
CA ILE B 130 -17.43 -11.38 24.58
C ILE B 130 -16.52 -11.36 23.36
N GLU B 131 -15.48 -12.18 23.39
CA GLU B 131 -14.55 -12.33 22.28
C GLU B 131 -15.21 -13.05 21.10
N ALA B 132 -16.01 -14.06 21.40
CA ALA B 132 -16.71 -14.85 20.39
C ALA B 132 -17.88 -14.09 19.77
N ALA B 133 -18.38 -13.07 20.47
CA ALA B 133 -19.42 -12.19 19.96
C ALA B 133 -18.93 -11.33 18.80
N THR B 134 -17.61 -11.22 18.67
CA THR B 134 -17.02 -10.44 17.57
C THR B 134 -16.94 -11.25 16.28
N ILE B 135 -17.24 -12.55 16.37
CA ILE B 135 -16.89 -13.49 15.31
C ILE B 135 -17.92 -13.73 14.19
N PRO B 136 -19.18 -14.08 14.52
CA PRO B 136 -20.04 -14.69 13.49
C PRO B 136 -20.22 -13.88 12.21
N ILE B 137 -20.96 -12.77 12.24
CA ILE B 137 -21.20 -12.00 11.01
C ILE B 137 -19.89 -11.65 10.28
N PRO B 138 -18.96 -10.93 10.96
CA PRO B 138 -17.74 -10.52 10.25
C PRO B 138 -16.99 -11.67 9.56
N PHE B 139 -16.73 -12.75 10.30
CA PHE B 139 -15.93 -13.86 9.79
C PHE B 139 -16.59 -14.73 8.72
N PHE B 140 -17.89 -15.01 8.89
CA PHE B 140 -18.60 -15.89 7.97
C PHE B 140 -18.83 -15.17 6.64
N THR B 141 -19.16 -13.88 6.73
CA THR B 141 -19.36 -13.04 5.55
C THR B 141 -18.06 -12.97 4.74
N ALA B 142 -16.97 -12.60 5.40
CA ALA B 142 -15.65 -12.51 4.77
C ALA B 142 -15.20 -13.87 4.25
N TYR B 143 -15.49 -14.94 5.00
CA TYR B 143 -15.16 -16.29 4.53
C TYR B 143 -15.98 -16.69 3.32
N HIS B 144 -17.27 -16.36 3.32
CA HIS B 144 -18.14 -16.73 2.21
C HIS B 144 -17.74 -15.98 0.94
N GLY B 145 -17.37 -14.71 1.11
CA GLY B 145 -16.91 -13.89 0.00
C GLY B 145 -15.54 -14.32 -0.52
N LEU B 146 -14.52 -14.20 0.32
CA LEU B 146 -13.13 -14.44 -0.07
C LEU B 146 -12.80 -15.86 -0.51
N TYR B 147 -13.35 -16.87 0.16
CA TYR B 147 -13.09 -18.25 -0.25
C TYR B 147 -14.17 -18.90 -1.12
N ASN B 148 -15.35 -19.13 -0.54
CA ASN B 148 -16.44 -19.83 -1.22
C ASN B 148 -16.75 -19.24 -2.59
N LEU B 149 -16.77 -17.91 -2.68
CA LEU B 149 -17.10 -17.23 -3.92
C LEU B 149 -15.86 -16.86 -4.75
N ALA B 150 -14.96 -16.07 -4.19
CA ALA B 150 -13.80 -15.57 -4.93
C ALA B 150 -12.64 -16.55 -5.07
N LYS B 151 -12.53 -17.52 -4.15
CA LYS B 151 -11.48 -18.56 -4.23
C LYS B 151 -10.06 -17.97 -4.18
N ILE B 152 -9.82 -17.12 -3.18
CA ILE B 152 -8.52 -16.47 -2.99
C ILE B 152 -7.41 -17.49 -2.72
N GLN B 153 -6.26 -17.29 -3.36
CA GLN B 153 -5.10 -18.19 -3.25
C GLN B 153 -3.90 -17.42 -2.71
N SER B 154 -3.00 -18.12 -2.03
CA SER B 154 -1.76 -17.50 -1.54
C SER B 154 -1.00 -16.83 -2.69
N GLY B 155 -0.54 -15.61 -2.44
CA GLY B 155 0.18 -14.83 -3.45
C GLY B 155 -0.68 -13.74 -4.07
N GLU B 156 -1.97 -14.03 -4.23
CA GLU B 156 -2.91 -13.14 -4.90
C GLU B 156 -3.13 -11.82 -4.16
N ARG B 157 -3.39 -10.77 -4.93
CA ARG B 157 -3.58 -9.42 -4.38
C ARG B 157 -5.06 -9.13 -4.14
N VAL B 158 -5.34 -8.50 -2.99
CA VAL B 158 -6.71 -8.21 -2.59
C VAL B 158 -6.83 -6.80 -2.01
N LEU B 159 -7.88 -6.08 -2.43
CA LEU B 159 -8.19 -4.77 -1.87
C LEU B 159 -9.37 -4.88 -0.91
N ILE B 160 -9.14 -4.46 0.33
CA ILE B 160 -10.18 -4.49 1.36
C ILE B 160 -10.59 -3.07 1.76
N HIS B 161 -11.77 -2.66 1.34
CA HIS B 161 -12.27 -1.30 1.60
C HIS B 161 -12.83 -1.09 3.00
N ALA B 162 -12.67 0.12 3.53
CA ALA B 162 -13.26 0.47 4.84
C ALA B 162 -12.85 -0.59 5.87
N ALA B 163 -11.56 -0.89 5.88
CA ALA B 163 -11.03 -2.11 6.46
C ALA B 163 -11.01 -2.10 7.99
N SER B 164 -11.28 -0.94 8.58
CA SER B 164 -11.34 -0.80 10.03
C SER B 164 -12.67 -1.31 10.60
N GLY B 165 -13.67 -1.48 9.74
CA GLY B 165 -14.99 -1.96 10.16
C GLY B 165 -15.00 -3.45 10.47
N GLY B 166 -16.14 -3.95 10.96
CA GLY B 166 -16.27 -5.33 11.40
C GLY B 166 -15.86 -6.39 10.39
N THR B 167 -16.41 -6.29 9.18
CA THR B 167 -16.11 -7.26 8.12
C THR B 167 -14.70 -7.13 7.60
N GLY B 168 -14.23 -5.90 7.43
CA GLY B 168 -12.91 -5.64 6.86
C GLY B 168 -11.77 -6.06 7.78
N GLN B 169 -12.01 -6.00 9.09
CA GLN B 169 -11.05 -6.48 10.07
C GLN B 169 -10.95 -8.00 10.03
N ALA B 170 -12.07 -8.67 9.81
CA ALA B 170 -12.10 -10.12 9.68
C ALA B 170 -11.55 -10.57 8.32
N ALA B 171 -11.85 -9.81 7.28
CA ALA B 171 -11.36 -10.09 5.93
C ALA B 171 -9.84 -9.95 5.82
N ILE B 172 -9.26 -9.03 6.57
CA ILE B 172 -7.81 -8.87 6.65
C ILE B 172 -7.17 -10.09 7.31
N GLN B 173 -7.66 -10.48 8.48
CA GLN B 173 -7.19 -11.67 9.18
C GLN B 173 -7.24 -12.91 8.29
N LEU B 174 -8.34 -13.07 7.56
CA LEU B 174 -8.50 -14.22 6.69
C LEU B 174 -7.56 -14.19 5.50
N ALA B 175 -7.45 -13.03 4.84
CA ALA B 175 -6.55 -12.87 3.71
C ALA B 175 -5.08 -13.11 4.09
N GLN B 176 -4.67 -12.54 5.22
CA GLN B 176 -3.29 -12.72 5.70
C GLN B 176 -2.96 -14.18 5.97
N PHE B 177 -3.89 -14.88 6.62
CA PHE B 177 -3.67 -16.30 6.97
C PHE B 177 -3.44 -17.17 5.74
N TRP B 178 -4.28 -16.99 4.72
CA TRP B 178 -4.19 -17.79 3.51
C TRP B 178 -2.93 -17.51 2.68
N GLY B 179 -2.39 -16.29 2.81
CA GLY B 179 -1.14 -15.93 2.14
C GLY B 179 -1.30 -14.88 1.06
N ALA B 180 -2.37 -14.08 1.18
CA ALA B 180 -2.65 -13.00 0.24
C ALA B 180 -1.90 -11.75 0.64
N GLU B 181 -1.56 -10.93 -0.35
CA GLU B 181 -1.03 -9.60 -0.11
C GLU B 181 -2.22 -8.65 0.05
N VAL B 182 -2.28 -7.99 1.21
CA VAL B 182 -3.42 -7.17 1.57
C VAL B 182 -3.20 -5.69 1.30
N PHE B 183 -4.02 -5.13 0.42
CA PHE B 183 -4.17 -3.69 0.29
C PHE B 183 -5.47 -3.31 1.02
N ALA B 184 -5.45 -2.18 1.74
CA ALA B 184 -6.61 -1.79 2.53
C ALA B 184 -6.90 -0.30 2.45
N THR B 185 -8.17 0.07 2.57
CA THR B 185 -8.53 1.47 2.72
C THR B 185 -9.20 1.75 4.05
N THR B 186 -8.80 2.86 4.69
CA THR B 186 -9.34 3.30 5.98
C THR B 186 -9.20 4.82 6.13
N SER B 187 -9.96 5.40 7.06
CA SER B 187 -9.92 6.83 7.32
C SER B 187 -8.57 7.24 7.95
N PRO B 188 -8.09 8.48 7.67
CA PRO B 188 -6.78 9.00 8.10
C PRO B 188 -6.38 8.77 9.56
N GLN B 189 -7.33 8.89 10.49
CA GLN B 189 -7.04 8.64 11.91
C GLN B 189 -6.66 7.19 12.20
N LYS B 190 -7.26 6.25 11.46
CA LYS B 190 -7.07 4.82 11.70
C LYS B 190 -5.87 4.18 10.97
N MET B 191 -5.24 4.93 10.07
CA MET B 191 -4.19 4.41 9.19
C MET B 191 -3.03 3.73 9.93
N ALA B 192 -2.50 4.40 10.95
CA ALA B 192 -1.36 3.88 11.71
C ALA B 192 -1.66 2.55 12.39
N VAL B 193 -2.87 2.42 12.94
CA VAL B 193 -3.28 1.19 13.63
C VAL B 193 -3.42 -0.01 12.68
N LEU B 194 -3.92 0.22 11.46
CA LEU B 194 -3.95 -0.82 10.45
C LEU B 194 -2.53 -1.16 9.98
N ARG B 195 -1.67 -0.15 9.95
CA ARG B 195 -0.25 -0.30 9.63
C ARG B 195 0.44 -1.28 10.59
N GLU B 196 0.08 -1.20 11.87
CA GLU B 196 0.62 -2.09 12.92
C GLU B 196 0.01 -3.50 12.89
N GLN B 197 -1.10 -3.65 12.19
CA GLN B 197 -1.71 -4.97 11.97
C GLN B 197 -0.96 -5.78 10.91
N GLY B 198 0.00 -5.13 10.23
CA GLY B 198 0.84 -5.81 9.26
C GLY B 198 0.60 -5.44 7.79
N ILE B 199 -0.34 -4.53 7.56
CA ILE B 199 -0.66 -4.07 6.21
C ILE B 199 0.32 -3.00 5.77
N LYS B 200 0.94 -3.21 4.60
CA LYS B 200 1.94 -2.29 4.06
C LYS B 200 1.28 -1.07 3.43
N HIS B 201 0.38 -1.33 2.48
CA HIS B 201 -0.21 -0.27 1.69
C HIS B 201 -1.60 0.07 2.21
N VAL B 202 -1.65 1.12 3.03
CA VAL B 202 -2.90 1.63 3.56
C VAL B 202 -3.21 2.95 2.87
N MET B 203 -4.32 2.95 2.14
CA MET B 203 -4.78 4.13 1.44
C MET B 203 -6.04 4.65 2.09
N ASN B 204 -6.46 5.85 1.69
CA ASN B 204 -7.64 6.50 2.23
C ASN B 204 -8.92 5.89 1.69
N SER B 205 -9.87 5.63 2.58
CA SER B 205 -11.18 5.11 2.21
C SER B 205 -12.17 6.21 1.87
N ARG B 206 -11.82 7.45 2.26
CA ARG B 206 -12.75 8.58 2.16
C ARG B 206 -12.62 9.38 0.85
N THR B 207 -11.75 8.92 -0.05
CA THR B 207 -11.72 9.43 -1.43
C THR B 207 -11.55 8.23 -2.36
N THR B 208 -11.31 8.53 -3.65
CA THR B 208 -11.08 7.48 -4.64
C THR B 208 -9.64 7.48 -5.15
N GLU B 209 -8.73 8.11 -4.41
CA GLU B 209 -7.32 8.18 -4.82
C GLU B 209 -6.62 6.82 -4.87
N PHE B 210 -7.17 5.84 -4.16
CA PHE B 210 -6.62 4.48 -4.10
C PHE B 210 -6.45 3.85 -5.49
N ALA B 211 -7.36 4.16 -6.41
CA ALA B 211 -7.38 3.55 -7.74
C ALA B 211 -6.11 3.84 -8.55
N ASN B 212 -5.67 5.09 -8.55
CA ASN B 212 -4.39 5.45 -9.17
C ASN B 212 -3.18 4.94 -8.38
N GLU B 213 -3.25 5.05 -7.05
CA GLU B 213 -2.16 4.63 -6.17
C GLU B 213 -1.90 3.13 -6.21
N ILE B 214 -2.95 2.32 -6.36
CA ILE B 214 -2.78 0.86 -6.45
C ILE B 214 -2.21 0.49 -7.81
N ARG B 215 -2.67 1.18 -8.85
CA ARG B 215 -2.15 1.02 -10.21
C ARG B 215 -0.64 1.33 -10.28
N GLU B 216 -0.21 2.32 -9.50
CA GLU B 216 1.21 2.68 -9.41
C GLU B 216 2.02 1.67 -8.60
N LEU B 217 1.47 1.20 -7.48
CA LEU B 217 2.16 0.26 -6.61
C LEU B 217 2.31 -1.13 -7.23
N THR B 218 1.30 -1.57 -7.99
CA THR B 218 1.27 -2.93 -8.55
C THR B 218 1.86 -3.05 -9.96
N GLN B 219 2.49 -1.97 -10.45
CA GLN B 219 3.03 -1.93 -11.82
C GLN B 219 1.94 -2.12 -12.87
N GLY B 220 0.80 -1.46 -12.66
CA GLY B 220 -0.35 -1.55 -13.57
C GLY B 220 -1.23 -2.76 -13.35
N LYS B 221 -0.66 -3.80 -12.75
CA LYS B 221 -1.33 -5.10 -12.61
C LYS B 221 -2.67 -5.08 -11.88
N GLY B 222 -2.80 -4.19 -10.89
CA GLY B 222 -4.01 -4.10 -10.08
C GLY B 222 -4.12 -5.24 -9.08
N VAL B 223 -5.32 -5.40 -8.53
CA VAL B 223 -5.59 -6.47 -7.56
C VAL B 223 -6.34 -7.61 -8.23
N ASP B 224 -6.31 -8.79 -7.62
CA ASP B 224 -7.02 -9.96 -8.15
C ASP B 224 -8.42 -10.07 -7.54
N VAL B 225 -8.55 -9.61 -6.30
CA VAL B 225 -9.80 -9.71 -5.56
C VAL B 225 -10.15 -8.39 -4.84
N ILE B 226 -11.40 -7.95 -4.99
CA ILE B 226 -11.92 -6.81 -4.23
C ILE B 226 -13.05 -7.25 -3.30
N PHE B 227 -12.92 -6.92 -2.01
CA PHE B 227 -13.97 -7.16 -1.01
C PHE B 227 -14.56 -5.78 -0.67
N ASN B 228 -15.71 -5.47 -1.25
CA ASN B 228 -16.22 -4.11 -1.23
C ASN B 228 -17.57 -3.92 -0.55
N SER B 229 -17.68 -2.78 0.15
CA SER B 229 -18.95 -2.33 0.75
C SER B 229 -19.30 -0.91 0.30
N LEU B 230 -18.42 -0.28 -0.46
CA LEU B 230 -18.58 1.13 -0.86
C LEU B 230 -19.18 1.29 -2.26
N THR B 231 -20.42 1.79 -2.31
CA THR B 231 -21.17 1.87 -3.58
C THR B 231 -21.60 3.27 -3.99
N HIS B 232 -21.42 4.26 -3.11
CA HIS B 232 -21.78 5.63 -3.45
C HIS B 232 -20.76 6.27 -4.41
N GLY B 233 -21.15 7.38 -5.02
CA GLY B 233 -20.25 8.16 -5.90
C GLY B 233 -19.61 7.37 -7.03
N GLU B 234 -18.31 7.55 -7.22
CA GLU B 234 -17.56 6.88 -8.30
C GLU B 234 -16.94 5.54 -7.86
N TYR B 235 -17.15 5.17 -6.60
CA TYR B 235 -16.48 4.01 -6.00
C TYR B 235 -16.55 2.71 -6.82
N ILE B 236 -17.75 2.36 -7.30
CA ILE B 236 -17.89 1.13 -8.08
C ILE B 236 -17.01 1.13 -9.34
N GLN B 237 -17.10 2.18 -10.15
CA GLN B 237 -16.28 2.28 -11.37
C GLN B 237 -14.79 2.25 -11.04
N LYS B 238 -14.39 3.05 -10.05
CA LYS B 238 -13.02 3.10 -9.56
C LYS B 238 -12.51 1.75 -9.07
N ASN B 239 -13.40 0.97 -8.43
CA ASN B 239 -13.12 -0.42 -8.10
C ASN B 239 -12.93 -1.29 -9.34
N LEU B 240 -13.77 -1.07 -10.34
CA LEU B 240 -13.64 -1.80 -11.61
C LEU B 240 -12.39 -1.37 -12.39
N ASP B 241 -11.96 -0.13 -12.22
CA ASP B 241 -10.76 0.38 -12.90
C ASP B 241 -9.45 -0.18 -12.34
N VAL B 242 -9.52 -0.78 -11.16
CA VAL B 242 -8.31 -1.23 -10.48
C VAL B 242 -8.25 -2.76 -10.29
N LEU B 243 -9.29 -3.46 -10.75
CA LEU B 243 -9.32 -4.92 -10.69
C LEU B 243 -8.65 -5.53 -11.93
N ALA B 244 -7.71 -6.44 -11.70
CA ALA B 244 -6.95 -7.09 -12.77
C ALA B 244 -7.85 -7.86 -13.72
N LEU B 245 -7.35 -8.08 -14.93
CA LEU B 245 -8.04 -8.96 -15.88
C LEU B 245 -8.42 -10.24 -15.15
N GLU B 246 -9.68 -10.66 -15.32
CA GLU B 246 -10.23 -11.86 -14.68
C GLU B 246 -10.36 -11.75 -13.17
N GLY B 247 -10.43 -10.52 -12.67
CA GLY B 247 -10.52 -10.30 -11.23
C GLY B 247 -11.85 -10.73 -10.65
N ARG B 248 -11.87 -10.87 -9.33
CA ARG B 248 -13.07 -11.23 -8.59
C ARG B 248 -13.53 -10.04 -7.75
N TYR B 249 -14.75 -9.60 -8.01
CA TYR B 249 -15.31 -8.43 -7.33
C TYR B 249 -16.43 -8.89 -6.39
N ILE B 250 -16.17 -8.74 -5.09
CA ILE B 250 -17.15 -9.09 -4.07
C ILE B 250 -17.86 -7.82 -3.64
N GLU B 251 -19.18 -7.88 -3.57
CA GLU B 251 -19.99 -6.77 -3.11
C GLU B 251 -20.89 -7.22 -1.96
N ILE B 252 -20.65 -6.70 -0.76
CA ILE B 252 -21.41 -7.13 0.42
C ILE B 252 -22.49 -6.14 0.88
N SER B 253 -22.41 -4.91 0.38
CA SER B 253 -23.28 -3.81 0.83
C SER B 253 -24.76 -4.01 0.52
N LYS B 254 -25.06 -4.46 -0.70
CA LYS B 254 -26.46 -4.62 -1.18
C LYS B 254 -27.12 -3.29 -1.56
N ARG B 255 -26.54 -2.17 -1.14
CA ARG B 255 -27.12 -0.84 -1.42
C ARG B 255 -26.57 -0.26 -2.72
N LYS B 256 -27.50 0.11 -3.61
CA LYS B 256 -27.19 0.77 -4.88
C LYS B 256 -26.16 0.02 -5.73
N ILE B 257 -26.21 -1.30 -5.63
CA ILE B 257 -25.29 -2.16 -6.37
C ILE B 257 -25.71 -2.27 -7.85
N TRP B 258 -24.73 -2.47 -8.70
CA TRP B 258 -24.95 -2.67 -10.12
C TRP B 258 -25.49 -4.08 -10.35
N SER B 259 -26.30 -4.23 -11.39
CA SER B 259 -26.74 -5.53 -11.85
C SER B 259 -25.55 -6.24 -12.48
N HIS B 260 -25.70 -7.54 -12.70
CA HIS B 260 -24.67 -8.32 -13.42
C HIS B 260 -24.44 -7.79 -14.83
N SER B 261 -25.51 -7.34 -15.49
CA SER B 261 -25.44 -6.83 -16.86
C SER B 261 -24.73 -5.46 -16.95
N GLN B 262 -24.97 -4.60 -15.96
CA GLN B 262 -24.26 -3.31 -15.89
C GLN B 262 -22.75 -3.52 -15.73
N VAL B 263 -22.37 -4.49 -14.89
CA VAL B 263 -20.96 -4.80 -14.66
C VAL B 263 -20.31 -5.43 -15.89
N ALA B 264 -21.02 -6.34 -16.54
CA ALA B 264 -20.53 -7.02 -17.76
C ALA B 264 -20.32 -6.06 -18.93
N GLN B 265 -21.23 -5.10 -19.07
CA GLN B 265 -21.12 -4.05 -20.10
C GLN B 265 -19.87 -3.21 -19.90
N LYS B 266 -19.47 -3.04 -18.64
CA LYS B 266 -18.28 -2.27 -18.29
C LYS B 266 -17.03 -3.16 -18.32
N ARG B 267 -17.14 -4.35 -17.71
CA ARG B 267 -16.05 -5.31 -17.64
C ARG B 267 -16.61 -6.73 -17.80
N SER B 268 -16.50 -7.27 -19.01
CA SER B 268 -17.07 -8.58 -19.33
C SER B 268 -16.23 -9.75 -18.78
N ASP B 269 -14.98 -9.46 -18.47
CA ASP B 269 -14.02 -10.47 -18.03
C ASP B 269 -14.10 -10.85 -16.54
N ILE B 270 -14.72 -10.00 -15.73
CA ILE B 270 -14.64 -10.17 -14.27
C ILE B 270 -15.73 -11.05 -13.66
N LYS B 271 -15.40 -11.67 -12.53
CA LYS B 271 -16.37 -12.43 -11.75
C LYS B 271 -17.04 -11.49 -10.73
N TYR B 272 -18.35 -11.34 -10.85
CA TYR B 272 -19.12 -10.46 -9.99
C TYR B 272 -19.84 -11.28 -8.94
N PHE B 273 -19.58 -10.99 -7.67
CA PHE B 273 -20.17 -11.74 -6.55
C PHE B 273 -20.85 -10.88 -5.49
N PRO B 274 -22.02 -10.28 -5.83
CA PRO B 274 -22.83 -9.66 -4.79
C PRO B 274 -23.57 -10.74 -4.00
N PHE B 275 -23.79 -10.52 -2.71
CA PHE B 275 -24.55 -11.47 -1.90
C PHE B 275 -24.96 -10.92 -0.54
N ASP B 276 -26.03 -11.49 -0.01
CA ASP B 276 -26.47 -11.28 1.36
C ASP B 276 -26.29 -12.63 2.03
N LEU B 277 -25.53 -12.65 3.14
CA LEU B 277 -25.26 -13.90 3.85
C LEU B 277 -26.54 -14.58 4.34
N LEU B 278 -27.54 -13.78 4.74
CA LEU B 278 -28.83 -14.30 5.19
C LEU B 278 -29.62 -14.96 4.07
N GLU B 279 -29.55 -14.37 2.88
CA GLU B 279 -30.24 -14.90 1.70
C GLU B 279 -29.63 -16.24 1.28
N GLU B 280 -28.31 -16.35 1.45
CA GLU B 280 -27.57 -17.55 1.06
C GLU B 280 -27.75 -18.72 2.04
N PHE B 281 -28.09 -18.39 3.29
CA PHE B 281 -28.48 -19.40 4.26
C PHE B 281 -29.90 -19.89 3.98
N ASN B 282 -30.75 -19.00 3.47
CA ASN B 282 -32.13 -19.35 3.16
C ASN B 282 -32.25 -20.27 1.94
N ARG B 283 -31.28 -20.19 1.02
CA ARG B 283 -31.17 -21.15 -0.07
C ARG B 283 -30.49 -22.44 0.36
N ASP B 284 -29.69 -22.35 1.43
CA ASP B 284 -28.87 -23.46 1.89
C ASP B 284 -28.73 -23.43 3.42
N ASN B 285 -29.63 -24.16 4.10
CA ASN B 285 -29.71 -24.13 5.57
C ASN B 285 -28.46 -24.66 6.28
N GLN B 286 -27.58 -25.32 5.55
CA GLN B 286 -26.33 -25.84 6.11
C GLN B 286 -25.12 -24.92 5.90
N LEU B 287 -25.36 -23.66 5.54
CA LEU B 287 -24.28 -22.73 5.21
C LEU B 287 -23.37 -22.36 6.38
N TYR B 288 -23.97 -21.93 7.50
CA TYR B 288 -23.19 -21.52 8.68
C TYR B 288 -22.41 -22.71 9.24
N TYR B 289 -23.09 -23.86 9.32
CA TYR B 289 -22.47 -25.08 9.81
C TYR B 289 -21.23 -25.46 8.97
N GLN B 290 -21.38 -25.43 7.65
CA GLN B 290 -20.26 -25.78 6.76
C GLN B 290 -19.10 -24.77 6.76
N ILE B 291 -19.41 -23.49 6.94
CA ILE B 291 -18.36 -22.47 7.08
C ILE B 291 -17.60 -22.70 8.39
N TRP B 292 -18.33 -22.96 9.46
CA TRP B 292 -17.75 -23.07 10.80
C TRP B 292 -16.85 -24.29 10.99
N LYS B 293 -17.10 -25.35 10.22
CA LYS B 293 -16.23 -26.54 10.25
C LYS B 293 -14.80 -26.18 9.88
N LYS B 294 -14.64 -25.30 8.90
CA LYS B 294 -13.31 -24.86 8.48
C LYS B 294 -12.71 -23.78 9.38
N LEU B 295 -13.55 -23.08 10.15
CA LEU B 295 -13.08 -21.97 10.99
C LEU B 295 -12.88 -22.31 12.47
N ILE B 296 -13.56 -23.34 12.95
CA ILE B 296 -13.50 -23.73 14.37
C ILE B 296 -12.08 -24.01 14.85
N GLN B 297 -11.32 -24.77 14.06
CA GLN B 297 -9.96 -25.13 14.44
C GLN B 297 -8.99 -23.96 14.34
N CYS B 298 -9.19 -23.10 13.33
CA CYS B 298 -8.42 -21.86 13.19
C CYS B 298 -8.52 -20.96 14.43
N PHE B 299 -9.66 -20.98 15.13
CA PHE B 299 -9.86 -20.17 16.32
C PHE B 299 -9.38 -20.88 17.59
N GLU B 300 -9.63 -22.18 17.69
CA GLU B 300 -9.15 -22.97 18.83
C GLU B 300 -7.62 -23.09 18.84
N ASN B 301 -7.02 -23.25 17.66
CA ASN B 301 -5.61 -22.90 17.45
C ASN B 301 -5.55 -21.39 17.30
N LYS B 302 -4.40 -20.77 17.55
CA LYS B 302 -4.32 -19.30 17.50
C LYS B 302 -4.08 -18.74 16.08
N GLU B 303 -4.62 -19.41 15.07
CA GLU B 303 -4.47 -18.98 13.67
C GLU B 303 -5.31 -17.75 13.36
N LEU B 304 -6.48 -17.68 13.97
CA LEU B 304 -7.34 -16.51 13.86
C LEU B 304 -7.65 -16.01 15.26
N HIS B 305 -7.92 -14.71 15.37
CA HIS B 305 -8.16 -14.07 16.65
C HIS B 305 -9.50 -13.34 16.64
N PRO B 306 -10.12 -13.18 17.82
CA PRO B 306 -11.29 -12.30 17.92
C PRO B 306 -10.93 -10.89 17.45
N LEU B 307 -11.93 -10.10 17.08
CA LEU B 307 -11.67 -8.75 16.62
C LEU B 307 -11.36 -7.83 17.79
N VAL B 308 -10.94 -6.60 17.50
CA VAL B 308 -10.88 -5.55 18.49
C VAL B 308 -12.32 -5.21 18.86
N TYR B 309 -12.58 -4.88 20.12
CA TYR B 309 -13.95 -4.57 20.52
C TYR B 309 -14.07 -3.46 21.56
N LYS B 310 -15.23 -2.80 21.51
CA LYS B 310 -15.64 -1.82 22.49
C LYS B 310 -17.00 -2.30 23.01
N THR B 311 -17.16 -2.31 24.33
CA THR B 311 -18.39 -2.82 24.92
C THR B 311 -19.22 -1.76 25.67
N PHE B 312 -20.54 -1.95 25.64
CA PHE B 312 -21.50 -1.08 26.31
C PHE B 312 -22.52 -1.93 27.06
N PRO B 313 -22.88 -1.52 28.30
CA PRO B 313 -24.01 -2.15 28.99
C PRO B 313 -25.32 -1.83 28.26
N ASN B 314 -26.31 -2.70 28.39
CA ASN B 314 -27.54 -2.55 27.61
C ASN B 314 -28.34 -1.27 27.87
N GLU B 315 -28.18 -0.66 29.05
CA GLU B 315 -28.80 0.64 29.29
C GLU B 315 -28.13 1.74 28.45
N ASP B 316 -26.87 1.53 28.10
CA ASP B 316 -26.11 2.42 27.21
C ASP B 316 -26.41 2.17 25.74
N ILE B 317 -27.59 1.60 25.45
CA ILE B 317 -27.90 1.14 24.09
C ILE B 317 -27.88 2.25 23.03
N VAL B 318 -28.41 3.42 23.39
CA VAL B 318 -28.42 4.58 22.47
C VAL B 318 -26.98 4.98 22.09
N GLU B 319 -26.09 5.01 23.09
CA GLU B 319 -24.68 5.33 22.88
C GLU B 319 -23.97 4.27 22.04
N ALA B 320 -24.26 3.00 22.31
CA ALA B 320 -23.73 1.90 21.53
C ALA B 320 -24.04 2.06 20.04
N PHE B 321 -25.32 2.29 19.71
CA PHE B 321 -25.73 2.50 18.32
C PHE B 321 -25.11 3.78 17.76
N ARG B 322 -25.00 4.79 18.62
CA ARG B 322 -24.40 6.07 18.28
C ARG B 322 -22.94 5.91 17.91
N TYR B 323 -22.22 5.12 18.70
CA TYR B 323 -20.80 4.86 18.49
C TYR B 323 -20.51 4.23 17.12
N LEU B 324 -21.33 3.27 16.71
CA LEU B 324 -21.15 2.65 15.39
C LEU B 324 -21.57 3.61 14.26
N GLN B 325 -22.63 4.37 14.50
CA GLN B 325 -23.09 5.39 13.54
C GLN B 325 -22.01 6.44 13.23
N ARG B 326 -21.17 6.73 14.20
CA ARG B 326 -20.08 7.68 14.01
C ARG B 326 -18.85 7.11 13.29
N SER B 327 -18.83 5.79 13.09
CA SER B 327 -17.75 5.08 12.35
C SER B 327 -16.33 5.44 12.77
N LYS B 328 -16.07 5.52 14.08
CA LYS B 328 -14.69 5.75 14.53
C LYS B 328 -14.25 4.65 15.50
N HIS B 329 -14.98 3.54 15.43
CA HIS B 329 -14.64 2.30 16.09
C HIS B 329 -13.63 1.55 15.24
N ILE B 330 -12.91 0.61 15.87
CA ILE B 330 -12.14 -0.38 15.15
C ILE B 330 -12.59 -1.74 15.66
N GLY B 331 -12.82 -2.67 14.75
CA GLY B 331 -13.39 -3.96 15.11
C GLY B 331 -14.88 -3.83 15.40
N ARG B 332 -15.31 -4.43 16.52
CA ARG B 332 -16.73 -4.65 16.79
C ARG B 332 -17.22 -3.84 17.98
N VAL B 333 -18.48 -3.42 17.90
CA VAL B 333 -19.17 -2.79 19.02
C VAL B 333 -20.13 -3.82 19.60
N VAL B 334 -19.92 -4.17 20.87
CA VAL B 334 -20.68 -5.24 21.51
C VAL B 334 -21.45 -4.70 22.69
N VAL B 335 -22.72 -5.10 22.80
CA VAL B 335 -23.52 -4.71 23.94
C VAL B 335 -23.69 -5.93 24.84
N THR B 336 -23.42 -5.75 26.14
CA THR B 336 -23.65 -6.80 27.12
C THR B 336 -25.11 -6.82 27.57
N MET B 337 -25.63 -8.03 27.80
CA MET B 337 -26.95 -8.21 28.39
C MET B 337 -26.81 -8.67 29.85
N PRO B 338 -27.80 -8.33 30.70
CA PRO B 338 -27.75 -8.69 32.13
C PRO B 338 -28.14 -10.15 32.38
N GLN C 7 13.21 4.51 45.11
CA GLN C 7 14.67 4.37 44.86
C GLN C 7 15.07 5.17 43.61
N PRO C 8 15.85 6.25 43.79
CA PRO C 8 16.26 7.16 42.71
C PRO C 8 17.22 6.52 41.69
N VAL C 9 16.88 6.67 40.41
CA VAL C 9 17.71 6.14 39.32
C VAL C 9 17.94 7.18 38.22
N GLN C 10 19.12 7.11 37.59
CA GLN C 10 19.45 8.00 36.47
C GLN C 10 19.81 7.18 35.23
N LEU C 11 19.30 7.63 34.07
CA LEU C 11 19.58 6.96 32.80
C LEU C 11 21.01 7.23 32.35
N LYS C 12 21.74 6.16 32.04
CA LYS C 12 23.12 6.25 31.60
C LYS C 12 23.36 5.36 30.38
N ILE C 13 24.59 5.40 29.86
CA ILE C 13 25.00 4.56 28.74
C ILE C 13 26.42 4.03 28.95
N ALA C 14 26.64 2.77 28.57
CA ALA C 14 27.94 2.12 28.72
C ALA C 14 28.97 2.69 27.75
N SER C 15 28.63 2.69 26.46
CA SER C 15 29.49 3.25 25.42
C SER C 15 28.64 3.77 24.25
N TYR C 16 29.23 4.65 23.44
CA TYR C 16 28.54 5.19 22.27
C TYR C 16 28.35 4.14 21.19
N GLY C 17 27.19 4.15 20.55
CA GLY C 17 26.90 3.23 19.44
C GLY C 17 25.48 2.72 19.40
N LEU C 18 25.14 1.83 20.34
CA LEU C 18 23.84 1.16 20.36
C LEU C 18 22.90 1.74 21.41
N LEU C 19 21.61 1.72 21.11
CA LEU C 19 20.58 2.19 22.04
C LEU C 19 20.22 1.13 23.07
N LYS C 20 20.75 -0.08 22.89
CA LYS C 20 20.54 -1.19 23.83
C LYS C 20 21.23 -0.93 25.17
N ASN C 21 22.37 -0.23 25.12
CA ASN C 21 23.18 0.06 26.30
C ASN C 21 22.54 1.02 27.30
N LEU C 22 21.43 1.64 26.90
CA LEU C 22 20.66 2.52 27.77
C LEU C 22 20.07 1.75 28.95
N THR C 23 20.71 1.91 30.12
CA THR C 23 20.26 1.26 31.35
C THR C 23 20.14 2.26 32.49
N TRP C 24 19.12 2.07 33.33
CA TRP C 24 18.92 2.92 34.50
C TRP C 24 19.86 2.52 35.62
N VAL C 25 20.74 3.43 35.99
CA VAL C 25 21.75 3.20 37.03
C VAL C 25 21.39 3.99 38.28
N SER C 26 21.75 3.45 39.45
CA SER C 26 21.47 4.07 40.74
C SER C 26 22.02 5.49 40.85
N LEU C 27 21.20 6.39 41.39
CA LEU C 27 21.59 7.79 41.60
C LEU C 27 21.53 8.14 43.09
N GLU C 28 22.54 8.86 43.56
CA GLU C 28 22.62 9.31 44.95
C GLU C 28 21.65 10.46 45.24
N ASN C 29 21.09 10.48 46.44
CA ASN C 29 20.18 11.55 46.87
C ASN C 29 20.93 12.86 47.02
N GLN C 30 20.48 13.88 46.29
CA GLN C 30 21.11 15.20 46.35
C GLN C 30 20.16 16.25 46.92
N VAL C 31 20.69 17.06 47.82
CA VAL C 31 19.92 18.12 48.46
C VAL C 31 20.24 19.45 47.79
N PRO C 32 19.21 20.24 47.43
CA PRO C 32 19.45 21.52 46.76
C PRO C 32 20.10 22.56 47.68
N GLY C 33 21.24 23.10 47.24
CA GLY C 33 21.93 24.15 47.98
C GLY C 33 21.35 25.53 47.71
N VAL C 34 22.16 26.56 47.92
CA VAL C 34 21.76 27.95 47.70
C VAL C 34 21.43 28.21 46.23
N GLY C 35 20.28 28.84 45.99
CA GLY C 35 19.85 29.22 44.64
C GLY C 35 19.48 28.05 43.77
N GLU C 36 19.00 26.97 44.39
CA GLU C 36 18.67 25.73 43.68
C GLU C 36 17.32 25.17 44.08
N VAL C 37 16.73 24.37 43.20
CA VAL C 37 15.44 23.71 43.45
C VAL C 37 15.54 22.23 43.05
N LYS C 38 15.01 21.36 43.90
CA LYS C 38 14.95 19.92 43.61
C LYS C 38 13.56 19.56 43.10
N VAL C 39 13.52 18.91 41.94
CA VAL C 39 12.27 18.54 41.28
C VAL C 39 12.17 17.02 41.14
N GLN C 40 11.06 16.46 41.61
CA GLN C 40 10.77 15.04 41.41
C GLN C 40 10.18 14.85 40.02
N ILE C 41 10.91 14.13 39.17
CA ILE C 41 10.54 13.97 37.77
C ILE C 41 9.48 12.89 37.59
N GLN C 42 8.42 13.24 36.86
CA GLN C 42 7.28 12.35 36.63
C GLN C 42 7.09 12.00 35.14
N ALA C 43 7.50 12.92 34.26
CA ALA C 43 7.37 12.73 32.82
C ALA C 43 8.46 13.46 32.03
N VAL C 44 9.14 12.71 31.15
CA VAL C 44 10.20 13.26 30.29
C VAL C 44 9.99 12.82 28.84
N PRO C 45 9.95 13.79 27.90
CA PRO C 45 9.91 13.46 26.48
C PRO C 45 11.30 13.23 25.90
N VAL C 46 11.39 12.37 24.89
CA VAL C 46 12.67 12.09 24.21
C VAL C 46 12.94 13.17 23.15
N ASN C 47 14.20 13.62 23.08
CA ASN C 47 14.61 14.62 22.10
C ASN C 47 15.48 14.02 20.98
N PHE C 48 15.50 14.71 19.84
CA PHE C 48 16.39 14.35 18.73
C PHE C 48 17.84 14.34 19.21
N ARG C 49 18.19 15.32 20.04
CA ARG C 49 19.52 15.46 20.61
C ARG C 49 19.86 14.32 21.59
N ASP C 50 18.83 13.74 22.20
CA ASP C 50 18.99 12.59 23.10
C ASP C 50 19.49 11.36 22.35
N ILE C 51 18.98 11.18 21.14
CA ILE C 51 19.36 10.07 20.27
C ILE C 51 20.83 10.18 19.85
N LEU C 52 21.20 11.36 19.32
CA LEU C 52 22.56 11.61 18.84
C LEU C 52 23.63 11.37 19.90
N ASN C 53 23.38 11.85 21.13
CA ASN C 53 24.28 11.64 22.27
C ASN C 53 24.53 10.17 22.59
N ALA C 54 23.46 9.37 22.53
CA ALA C 54 23.54 7.92 22.74
C ALA C 54 24.32 7.24 21.61
N LEU C 55 24.22 7.78 20.40
CA LEU C 55 24.97 7.28 19.26
C LEU C 55 26.39 7.85 19.21
N GLY C 56 26.64 8.87 20.02
CA GLY C 56 27.96 9.49 20.13
C GLY C 56 28.35 10.30 18.91
N MET C 57 27.50 11.26 18.56
CA MET C 57 27.70 12.09 17.37
C MET C 57 27.83 13.58 17.70
N LEU C 58 27.93 13.89 18.99
CA LEU C 58 28.10 15.27 19.44
C LEU C 58 29.25 15.39 20.44
N GLN C 59 30.22 14.48 20.35
CA GLN C 59 31.38 14.45 21.24
C GLN C 59 32.24 15.70 21.15
N GLU C 60 32.27 16.31 19.96
CA GLU C 60 32.97 17.57 19.74
C GLU C 60 32.28 18.71 20.50
N HIS C 61 30.95 18.74 20.43
CA HIS C 61 30.14 19.77 21.08
C HIS C 61 30.09 19.59 22.61
N ASN C 62 30.03 18.35 23.06
CA ASN C 62 29.96 18.03 24.49
C ASN C 62 31.27 18.27 25.25
N GLN C 63 32.37 18.40 24.51
CA GLN C 63 33.69 18.62 25.10
C GLN C 63 34.11 20.09 25.00
N THR C 64 33.72 20.75 23.91
CA THR C 64 34.05 22.16 23.71
C THR C 64 33.06 23.08 24.45
N LYS C 65 31.78 22.95 24.13
CA LYS C 65 30.73 23.77 24.75
C LYS C 65 30.41 23.34 26.18
N LEU C 66 30.41 22.03 26.41
CA LEU C 66 30.11 21.48 27.73
C LEU C 66 31.37 20.84 28.36
N GLY C 67 31.22 20.33 29.58
CA GLY C 67 32.34 19.74 30.31
C GLY C 67 32.34 18.22 30.35
N ILE C 68 31.85 17.61 29.27
CA ILE C 68 31.77 16.15 29.17
C ILE C 68 32.90 15.61 28.29
N THR C 69 33.89 15.00 28.92
CA THR C 69 35.04 14.43 28.22
C THR C 69 34.90 12.93 28.01
N SER C 70 34.28 12.26 28.98
CA SER C 70 34.09 10.81 28.91
C SER C 70 32.61 10.42 28.83
N VAL C 71 32.36 9.21 28.33
CA VAL C 71 31.00 8.67 28.20
C VAL C 71 30.32 8.48 29.56
N ASP C 72 31.14 8.43 30.62
CA ASP C 72 30.66 8.27 31.99
C ASP C 72 29.97 9.54 32.52
N HIS C 73 30.19 10.67 31.84
CA HIS C 73 29.64 11.97 32.27
C HIS C 73 28.41 12.40 31.47
N LEU C 74 28.08 11.64 30.42
CA LEU C 74 26.95 11.95 29.54
C LEU C 74 25.62 11.58 30.18
N THR C 75 24.68 12.52 30.15
CA THR C 75 23.33 12.29 30.67
C THR C 75 22.29 12.72 29.64
N PHE C 76 21.05 12.29 29.84
CA PHE C 76 19.96 12.53 28.89
C PHE C 76 18.81 13.29 29.53
N GLY C 77 18.13 14.12 28.74
CA GLY C 77 16.95 14.84 29.18
C GLY C 77 17.09 16.35 29.16
N PHE C 78 16.47 16.98 28.16
CA PHE C 78 16.57 18.43 27.96
C PHE C 78 15.34 19.20 28.45
N GLU C 79 14.32 18.45 28.88
CA GLU C 79 13.08 19.01 29.41
C GLU C 79 12.32 17.95 30.20
N ALA C 80 11.59 18.40 31.22
CA ALA C 80 10.83 17.50 32.07
C ALA C 80 9.56 18.16 32.61
N VAL C 81 8.68 17.34 33.17
CA VAL C 81 7.56 17.81 33.96
C VAL C 81 7.65 17.06 35.30
N GLY C 82 7.45 17.79 36.40
CA GLY C 82 7.52 17.19 37.72
C GLY C 82 7.08 18.11 38.85
N VAL C 83 7.32 17.68 40.08
CA VAL C 83 6.90 18.40 41.29
C VAL C 83 8.10 18.82 42.13
N ILE C 84 8.00 20.01 42.74
CA ILE C 84 9.04 20.52 43.64
C ILE C 84 8.99 19.81 44.99
N VAL C 85 10.15 19.32 45.42
CA VAL C 85 10.28 18.68 46.72
C VAL C 85 11.25 19.47 47.62
N GLY C 86 12.22 20.13 47.00
CA GLY C 86 13.20 20.93 47.73
C GLY C 86 13.42 22.31 47.15
N VAL C 87 13.56 23.30 48.03
CA VAL C 87 13.91 24.67 47.63
C VAL C 87 14.97 25.20 48.60
N GLY C 88 16.13 25.55 48.05
CA GLY C 88 17.21 26.15 48.84
C GLY C 88 17.00 27.65 49.01
N LEU C 89 17.81 28.26 49.87
CA LEU C 89 17.75 29.70 50.13
C LEU C 89 18.05 30.54 48.90
N GLY C 90 17.49 31.76 48.87
CA GLY C 90 17.67 32.67 47.74
C GLY C 90 16.51 32.58 46.74
N VAL C 91 15.79 31.48 46.79
CA VAL C 91 14.63 31.24 45.92
C VAL C 91 13.35 31.38 46.73
N SER C 92 12.43 32.22 46.25
CA SER C 92 11.18 32.50 46.95
C SER C 92 9.94 32.45 46.05
N GLN C 93 10.16 32.50 44.73
CA GLN C 93 9.05 32.48 43.77
C GLN C 93 8.45 31.08 43.56
N TRP C 94 9.12 30.05 44.08
CA TRP C 94 8.64 28.67 43.99
C TRP C 94 8.46 28.05 45.37
N GLN C 95 7.25 27.54 45.62
CA GLN C 95 6.96 26.79 46.84
C GLN C 95 7.07 25.29 46.57
N ILE C 96 7.31 24.53 47.63
CA ILE C 96 7.28 23.07 47.57
C ILE C 96 5.84 22.62 47.26
N GLY C 97 5.71 21.73 46.29
CA GLY C 97 4.39 21.20 45.89
C GLY C 97 3.86 21.80 44.60
N ASP C 98 4.63 22.69 44.00
CA ASP C 98 4.26 23.32 42.73
C ASP C 98 4.47 22.38 41.55
N GLU C 99 3.45 22.26 40.71
CA GLU C 99 3.55 21.51 39.45
C GLU C 99 4.32 22.37 38.46
N VAL C 100 5.49 21.89 38.04
CA VAL C 100 6.39 22.67 37.22
C VAL C 100 6.81 21.96 35.94
N MET C 101 7.30 22.75 34.98
CA MET C 101 7.92 22.23 33.76
C MET C 101 9.37 22.67 33.73
N VAL C 102 10.27 21.71 33.54
CA VAL C 102 11.70 21.98 33.46
C VAL C 102 12.11 22.26 32.00
N ILE C 103 12.96 23.27 31.82
CA ILE C 103 13.46 23.64 30.50
C ILE C 103 14.90 24.17 30.59
N GLY C 104 15.84 23.45 29.99
CA GLY C 104 17.25 23.86 30.00
C GLY C 104 18.21 22.92 30.70
N CYS C 105 17.66 21.92 31.40
CA CYS C 105 18.47 20.93 32.09
C CYS C 105 19.15 19.97 31.10
N HIS C 106 20.06 19.13 31.61
CA HIS C 106 20.79 18.19 30.77
C HIS C 106 20.66 16.74 31.26
N ASP C 107 19.87 16.54 32.31
CA ASP C 107 19.71 15.21 32.91
C ASP C 107 18.27 14.91 33.37
N ALA C 108 17.29 15.30 32.55
CA ALA C 108 15.88 15.11 32.88
C ALA C 108 15.48 13.64 33.07
N PHE C 109 16.15 12.74 32.35
CA PHE C 109 15.94 11.31 32.53
C PHE C 109 16.58 10.82 33.84
N SER C 110 16.04 11.33 34.94
CA SER C 110 16.45 10.98 36.29
C SER C 110 15.19 10.95 37.15
N SER C 111 15.25 10.27 38.29
CA SER C 111 14.15 10.31 39.24
C SER C 111 14.02 11.69 39.90
N PHE C 112 15.16 12.32 40.17
CA PHE C 112 15.22 13.66 40.73
C PHE C 112 16.29 14.50 40.02
N ILE C 113 16.03 15.79 39.86
CA ILE C 113 17.01 16.72 39.30
C ILE C 113 17.21 17.96 40.19
N ILE C 114 18.40 18.54 40.12
CA ILE C 114 18.69 19.80 40.81
C ILE C 114 18.91 20.87 39.74
N CYS C 115 18.11 21.94 39.80
CA CYS C 115 18.17 22.99 38.79
C CYS C 115 17.87 24.38 39.33
N SER C 116 18.30 25.39 38.57
CA SER C 116 18.04 26.79 38.85
C SER C 116 16.55 27.11 38.65
N PRO C 117 16.01 28.06 39.45
CA PRO C 117 14.60 28.46 39.35
C PRO C 117 14.23 29.12 38.02
N ASN C 118 15.23 29.64 37.31
CA ASN C 118 15.03 30.28 36.02
C ASN C 118 14.77 29.26 34.89
N ASN C 119 15.17 28.01 35.15
CA ASN C 119 14.93 26.88 34.25
C ASN C 119 13.53 26.28 34.42
N LEU C 120 12.73 26.87 35.31
CA LEU C 120 11.41 26.32 35.65
C LEU C 120 10.27 27.26 35.29
N VAL C 121 9.19 26.66 34.79
CA VAL C 121 7.93 27.38 34.53
C VAL C 121 6.75 26.59 35.12
N ALA C 122 5.73 27.30 35.59
CA ALA C 122 4.57 26.69 36.24
C ALA C 122 3.69 25.92 35.25
N LYS C 123 3.28 24.72 35.64
CA LYS C 123 2.39 23.90 34.84
C LYS C 123 0.95 24.44 34.90
N PRO C 124 0.32 24.64 33.73
CA PRO C 124 -1.10 25.03 33.66
C PRO C 124 -1.99 23.98 34.33
N ALA C 125 -2.83 24.43 35.26
CA ALA C 125 -3.68 23.55 36.07
C ALA C 125 -4.77 22.84 35.25
N ASN C 126 -5.07 23.38 34.08
CA ASN C 126 -6.11 22.82 33.20
C ASN C 126 -5.61 21.70 32.27
N LEU C 127 -4.38 21.22 32.51
CA LEU C 127 -3.78 20.18 31.69
C LEU C 127 -3.35 18.95 32.49
N LYS C 128 -3.11 17.85 31.78
CA LYS C 128 -2.52 16.64 32.36
C LYS C 128 -1.01 16.76 32.40
N LEU C 129 -0.39 15.99 33.28
CA LEU C 129 1.07 15.97 33.42
C LEU C 129 1.76 15.38 32.19
N ILE C 130 1.10 14.39 31.57
CA ILE C 130 1.58 13.76 30.34
C ILE C 130 1.44 14.69 29.12
N GLU C 131 0.40 15.52 29.14
CA GLU C 131 0.13 16.47 28.06
C GLU C 131 1.02 17.71 28.18
N ALA C 132 1.36 18.09 29.42
CA ALA C 132 2.26 19.21 29.67
C ALA C 132 3.66 18.97 29.09
N ALA C 133 4.11 17.72 29.13
CA ALA C 133 5.46 17.36 28.68
C ALA C 133 5.70 17.56 27.19
N THR C 134 4.62 17.70 26.43
CA THR C 134 4.70 17.96 24.98
C THR C 134 5.01 19.42 24.67
N ILE C 135 4.89 20.29 25.67
CA ILE C 135 4.96 21.75 25.46
C ILE C 135 6.37 22.37 25.36
N PRO C 136 7.17 22.35 26.45
CA PRO C 136 8.34 23.25 26.56
C PRO C 136 9.24 23.39 25.33
N ILE C 137 10.13 22.43 25.08
CA ILE C 137 11.05 22.51 23.92
C ILE C 137 10.34 22.83 22.60
N PRO C 138 9.29 22.05 22.22
CA PRO C 138 8.58 22.35 20.97
C PRO C 138 8.02 23.77 20.85
N PHE C 139 7.23 24.21 21.83
CA PHE C 139 6.53 25.50 21.74
C PHE C 139 7.42 26.73 21.95
N PHE C 140 8.32 26.64 22.92
CA PHE C 140 9.28 27.73 23.18
C PHE C 140 10.19 28.00 21.99
N THR C 141 10.66 26.92 21.35
CA THR C 141 11.50 27.01 20.16
C THR C 141 10.72 27.56 18.96
N ALA C 142 9.48 27.08 18.79
CA ALA C 142 8.63 27.51 17.69
C ALA C 142 8.21 28.97 17.80
N TYR C 143 7.97 29.43 19.04
CA TYR C 143 7.60 30.83 19.28
C TYR C 143 8.77 31.79 19.09
N HIS C 144 9.92 31.46 19.69
CA HIS C 144 11.10 32.32 19.61
C HIS C 144 11.57 32.51 18.17
N GLY C 145 11.43 31.46 17.36
CA GLY C 145 11.78 31.51 15.95
C GLY C 145 10.81 32.32 15.13
N LEU C 146 9.52 31.95 15.19
CA LEU C 146 8.48 32.58 14.38
C LEU C 146 8.15 34.02 14.80
N TYR C 147 8.05 34.27 16.11
CA TYR C 147 7.64 35.58 16.60
C TYR C 147 8.81 36.48 17.01
N ASN C 148 9.65 36.00 17.93
CA ASN C 148 10.73 36.81 18.51
C ASN C 148 11.86 37.18 17.55
N LEU C 149 12.06 36.36 16.52
CA LEU C 149 13.13 36.60 15.56
C LEU C 149 12.62 36.94 14.16
N ALA C 150 11.57 36.25 13.71
CA ALA C 150 11.03 36.44 12.37
C ALA C 150 9.85 37.42 12.32
N LYS C 151 9.11 37.53 13.44
CA LYS C 151 7.91 38.36 13.51
C LYS C 151 6.90 38.02 12.41
N ILE C 152 6.24 36.87 12.55
CA ILE C 152 5.26 36.40 11.58
C ILE C 152 3.92 37.13 11.74
N GLN C 153 3.32 37.53 10.62
CA GLN C 153 2.08 38.28 10.62
C GLN C 153 0.91 37.46 10.08
N SER C 154 -0.30 38.03 10.18
CA SER C 154 -1.49 37.40 9.61
C SER C 154 -1.52 37.56 8.09
N GLY C 155 -1.88 36.49 7.40
CA GLY C 155 -1.94 36.49 5.94
C GLY C 155 -0.65 36.02 5.27
N GLU C 156 0.45 36.12 6.00
CA GLU C 156 1.76 35.69 5.49
C GLU C 156 1.88 34.17 5.45
N ARG C 157 2.56 33.66 4.43
CA ARG C 157 2.71 32.23 4.21
C ARG C 157 4.02 31.71 4.80
N VAL C 158 3.93 30.61 5.55
CA VAL C 158 5.09 30.02 6.23
C VAL C 158 5.27 28.55 5.86
N LEU C 159 6.51 28.18 5.54
CA LEU C 159 6.86 26.80 5.28
C LEU C 159 7.43 26.14 6.54
N ILE C 160 6.96 24.93 6.83
CA ILE C 160 7.41 24.17 7.99
C ILE C 160 7.84 22.76 7.55
N HIS C 161 9.14 22.51 7.55
CA HIS C 161 9.67 21.21 7.17
C HIS C 161 9.62 20.21 8.33
N ALA C 162 9.62 18.92 8.00
CA ALA C 162 9.61 17.83 8.99
C ALA C 162 8.46 18.03 9.99
N ALA C 163 7.30 18.43 9.46
CA ALA C 163 6.21 18.98 10.26
C ALA C 163 5.44 17.98 11.14
N SER C 164 5.77 16.69 11.03
CA SER C 164 5.22 15.68 11.92
C SER C 164 6.01 15.61 13.24
N GLY C 165 7.19 16.22 13.24
CA GLY C 165 8.04 16.29 14.43
C GLY C 165 7.49 17.24 15.47
N GLY C 166 8.06 17.18 16.68
CA GLY C 166 7.58 17.96 17.83
C GLY C 166 7.64 19.46 17.63
N THR C 167 8.77 19.94 17.13
CA THR C 167 8.97 21.35 16.84
C THR C 167 8.05 21.82 15.70
N GLY C 168 7.95 20.99 14.65
CA GLY C 168 7.11 21.28 13.50
C GLY C 168 5.62 21.29 13.83
N GLN C 169 5.21 20.40 14.73
CA GLN C 169 3.82 20.34 15.18
C GLN C 169 3.40 21.59 15.95
N ALA C 170 4.23 22.01 16.90
CA ALA C 170 3.95 23.20 17.72
C ALA C 170 3.94 24.48 16.88
N ALA C 171 4.73 24.49 15.82
CA ALA C 171 4.82 25.60 14.88
C ALA C 171 3.53 25.74 14.07
N ILE C 172 2.99 24.60 13.63
CA ILE C 172 1.72 24.58 12.90
C ILE C 172 0.60 25.20 13.76
N GLN C 173 0.54 24.79 15.02
CA GLN C 173 -0.41 25.35 15.98
C GLN C 173 -0.28 26.86 16.11
N LEU C 174 0.96 27.33 16.31
CA LEU C 174 1.25 28.76 16.48
C LEU C 174 0.95 29.59 15.23
N ALA C 175 1.35 29.08 14.07
CA ALA C 175 1.12 29.77 12.79
C ALA C 175 -0.36 29.92 12.47
N GLN C 176 -1.13 28.85 12.69
CA GLN C 176 -2.57 28.86 12.49
C GLN C 176 -3.29 29.81 13.45
N PHE C 177 -2.72 29.98 14.64
CA PHE C 177 -3.28 30.86 15.67
C PHE C 177 -3.19 32.34 15.27
N TRP C 178 -2.10 32.71 14.62
CA TRP C 178 -1.89 34.09 14.17
C TRP C 178 -2.39 34.34 12.75
N GLY C 179 -3.20 33.42 12.23
CA GLY C 179 -3.81 33.55 10.90
C GLY C 179 -2.84 33.53 9.74
N ALA C 180 -1.88 32.59 9.80
CA ALA C 180 -0.90 32.42 8.74
C ALA C 180 -1.23 31.20 7.89
N GLU C 181 -1.00 31.30 6.59
CA GLU C 181 -1.20 30.16 5.68
C GLU C 181 -0.02 29.20 5.81
N VAL C 182 -0.30 27.99 6.32
CA VAL C 182 0.73 27.00 6.60
C VAL C 182 1.03 26.11 5.39
N PHE C 183 2.28 26.15 4.95
CA PHE C 183 2.81 25.18 4.01
C PHE C 183 3.70 24.21 4.77
N ALA C 184 3.43 22.91 4.62
CA ALA C 184 4.11 21.90 5.42
C ALA C 184 4.54 20.68 4.59
N THR C 185 5.72 20.14 4.93
CA THR C 185 6.19 18.91 4.31
C THR C 185 6.24 17.80 5.36
N THR C 186 5.97 16.57 4.92
CA THR C 186 6.02 15.38 5.78
C THR C 186 6.27 14.11 4.96
N SER C 187 6.44 12.99 5.64
CA SER C 187 6.66 11.70 4.99
C SER C 187 5.33 11.20 4.39
N PRO C 188 5.39 10.36 3.34
CA PRO C 188 4.18 9.94 2.62
C PRO C 188 3.10 9.30 3.49
N GLN C 189 3.52 8.64 4.57
CA GLN C 189 2.59 7.90 5.43
C GLN C 189 1.90 8.75 6.49
N LYS C 190 2.31 10.00 6.62
CA LYS C 190 1.73 10.90 7.62
C LYS C 190 0.92 12.04 7.00
N MET C 191 0.94 12.11 5.67
CA MET C 191 0.28 13.17 4.90
C MET C 191 -1.21 13.33 5.19
N ALA C 192 -1.91 12.20 5.34
CA ALA C 192 -3.36 12.19 5.60
C ALA C 192 -3.73 12.76 6.96
N VAL C 193 -2.87 12.55 7.96
CA VAL C 193 -3.11 13.03 9.32
C VAL C 193 -2.83 14.54 9.43
N LEU C 194 -1.74 15.00 8.82
CA LEU C 194 -1.38 16.42 8.82
C LEU C 194 -2.28 17.26 7.92
N ARG C 195 -2.89 16.60 6.92
CA ARG C 195 -3.87 17.25 6.05
C ARG C 195 -5.23 17.40 6.77
N GLU C 196 -5.40 16.68 7.87
CA GLU C 196 -6.60 16.79 8.71
C GLU C 196 -6.42 17.76 9.88
N GLN C 197 -5.18 18.19 10.10
CA GLN C 197 -4.87 19.12 11.19
C GLN C 197 -5.23 20.57 10.83
N GLY C 198 -5.52 20.81 9.56
CA GLY C 198 -5.95 22.12 9.08
C GLY C 198 -5.06 22.71 8.01
N ILE C 199 -4.28 21.86 7.35
CA ILE C 199 -3.34 22.28 6.32
C ILE C 199 -3.82 21.87 4.94
N LYS C 200 -3.97 22.86 4.05
CA LYS C 200 -4.47 22.64 2.71
C LYS C 200 -3.42 22.02 1.79
N HIS C 201 -2.18 22.49 1.89
CA HIS C 201 -1.09 22.05 1.02
C HIS C 201 -0.05 21.23 1.78
N VAL C 202 -0.07 19.91 1.57
CA VAL C 202 0.88 19.01 2.21
C VAL C 202 1.80 18.36 1.15
N MET C 203 3.10 18.53 1.34
CA MET C 203 4.10 18.03 0.39
C MET C 203 5.06 17.03 1.04
N ASN C 204 5.96 16.47 0.23
CA ASN C 204 6.93 15.49 0.73
C ASN C 204 8.22 16.14 1.25
N SER C 205 8.64 15.71 2.43
CA SER C 205 9.86 16.20 3.08
C SER C 205 11.06 15.33 2.76
N ARG C 206 10.83 14.20 2.08
CA ARG C 206 11.88 13.25 1.77
C ARG C 206 12.50 13.49 0.39
N THR C 207 12.01 14.52 -0.29
CA THR C 207 12.55 14.98 -1.56
C THR C 207 12.75 16.50 -1.49
N THR C 208 13.42 17.06 -2.50
CA THR C 208 13.54 18.51 -2.66
C THR C 208 12.49 19.05 -3.63
N GLU C 209 11.47 18.24 -3.91
CA GLU C 209 10.41 18.56 -4.85
C GLU C 209 9.45 19.67 -4.38
N PHE C 210 9.51 19.98 -3.09
CA PHE C 210 8.66 21.02 -2.48
C PHE C 210 8.87 22.41 -3.07
N ALA C 211 10.08 22.69 -3.52
CA ALA C 211 10.47 24.00 -4.03
C ALA C 211 9.72 24.43 -5.29
N ASN C 212 9.51 23.48 -6.20
CA ASN C 212 8.73 23.72 -7.42
C ASN C 212 7.23 23.81 -7.16
N GLU C 213 6.73 22.94 -6.29
CA GLU C 213 5.30 22.87 -5.96
C GLU C 213 4.75 24.17 -5.38
N ILE C 214 5.48 24.74 -4.42
CA ILE C 214 5.09 26.01 -3.79
C ILE C 214 5.26 27.17 -4.79
N ARG C 215 6.30 27.09 -5.62
CA ARG C 215 6.61 28.10 -6.63
C ARG C 215 5.50 28.24 -7.68
N GLU C 216 4.63 27.24 -7.76
CA GLU C 216 3.48 27.28 -8.66
C GLU C 216 2.19 27.69 -7.92
N LEU C 217 2.05 27.23 -6.68
CA LEU C 217 0.89 27.56 -5.84
C LEU C 217 0.89 29.02 -5.39
N THR C 218 2.08 29.58 -5.19
CA THR C 218 2.23 30.98 -4.79
C THR C 218 2.50 31.90 -5.99
N GLN C 219 2.48 31.31 -7.19
CA GLN C 219 2.67 32.03 -8.46
C GLN C 219 4.03 32.72 -8.59
N GLY C 220 5.09 32.00 -8.24
CA GLY C 220 6.46 32.48 -8.39
C GLY C 220 6.94 33.43 -7.31
N LYS C 221 6.03 33.87 -6.45
CA LYS C 221 6.36 34.80 -5.36
C LYS C 221 7.09 34.09 -4.22
N GLY C 222 6.58 32.92 -3.82
CA GLY C 222 7.23 32.11 -2.78
C GLY C 222 6.77 32.42 -1.37
N VAL C 223 7.36 31.72 -0.41
CA VAL C 223 6.98 31.84 1.00
C VAL C 223 7.75 32.96 1.72
N ASP C 224 7.08 33.58 2.69
CA ASP C 224 7.63 34.71 3.44
C ASP C 224 8.61 34.23 4.51
N VAL C 225 8.20 33.20 5.25
CA VAL C 225 8.99 32.67 6.36
C VAL C 225 9.21 31.17 6.16
N ILE C 226 10.41 30.70 6.47
CA ILE C 226 10.69 29.25 6.47
C ILE C 226 11.12 28.79 7.86
N PHE C 227 10.55 27.66 8.29
CA PHE C 227 10.92 27.01 9.55
C PHE C 227 11.57 25.67 9.21
N ASN C 228 12.90 25.66 9.16
CA ASN C 228 13.66 24.51 8.65
C ASN C 228 14.55 23.82 9.67
N SER C 229 14.72 22.51 9.51
CA SER C 229 15.65 21.72 10.32
C SER C 229 16.45 20.73 9.47
N LEU C 230 16.12 20.66 8.18
CA LEU C 230 16.76 19.73 7.25
C LEU C 230 17.89 20.45 6.50
N THR C 231 19.12 19.96 6.67
CA THR C 231 20.31 20.63 6.14
C THR C 231 21.10 19.84 5.10
N HIS C 232 20.86 18.52 5.04
CA HIS C 232 21.60 17.63 4.13
C HIS C 232 21.23 17.83 2.65
N GLY C 233 22.05 17.29 1.77
CA GLY C 233 21.80 17.31 0.32
C GLY C 233 21.70 18.70 -0.29
N GLU C 234 20.49 19.03 -0.76
CA GLU C 234 20.23 20.31 -1.43
C GLU C 234 19.09 21.08 -0.76
N TYR C 235 18.84 20.79 0.51
CA TYR C 235 17.70 21.36 1.23
C TYR C 235 17.85 22.85 1.59
N ILE C 236 19.08 23.26 1.90
CA ILE C 236 19.37 24.66 2.24
C ILE C 236 19.27 25.54 0.99
N GLN C 237 19.77 25.03 -0.13
CA GLN C 237 19.74 25.73 -1.41
C GLN C 237 18.29 25.88 -1.92
N LYS C 238 17.54 24.78 -1.90
CA LYS C 238 16.15 24.77 -2.35
C LYS C 238 15.23 25.64 -1.49
N ASN C 239 15.63 25.85 -0.23
CA ASN C 239 14.93 26.76 0.67
C ASN C 239 15.10 28.23 0.29
N LEU C 240 16.27 28.56 -0.25
CA LEU C 240 16.55 29.92 -0.73
C LEU C 240 15.79 30.22 -2.01
N ASP C 241 15.55 29.18 -2.82
CA ASP C 241 14.81 29.31 -4.07
C ASP C 241 13.32 29.57 -3.84
N VAL C 242 12.77 28.96 -2.80
CA VAL C 242 11.35 29.07 -2.48
C VAL C 242 11.05 30.30 -1.61
N LEU C 243 12.11 30.92 -1.06
CA LEU C 243 11.96 32.08 -0.20
C LEU C 243 11.74 33.35 -1.01
N ALA C 244 10.77 34.16 -0.56
CA ALA C 244 10.36 35.39 -1.26
C ALA C 244 11.36 36.53 -1.09
N LEU C 245 11.09 37.65 -1.77
CA LEU C 245 11.87 38.87 -1.64
C LEU C 245 11.73 39.45 -0.23
N GLU C 246 12.87 39.76 0.39
CA GLU C 246 12.94 40.24 1.78
C GLU C 246 12.25 39.30 2.77
N GLY C 247 12.48 38.01 2.58
CA GLY C 247 11.91 36.98 3.46
C GLY C 247 12.81 36.71 4.66
N ARG C 248 12.34 35.83 5.53
CA ARG C 248 13.08 35.44 6.74
C ARG C 248 13.21 33.92 6.80
N TYR C 249 14.38 33.46 7.25
CA TYR C 249 14.71 32.04 7.20
C TYR C 249 15.22 31.54 8.55
N ILE C 250 14.39 30.75 9.23
CA ILE C 250 14.70 30.21 10.56
C ILE C 250 15.39 28.86 10.44
N GLU C 251 16.56 28.74 11.08
CA GLU C 251 17.33 27.51 11.11
C GLU C 251 17.50 27.03 12.55
N ILE C 252 16.93 25.86 12.85
CA ILE C 252 16.99 25.30 14.21
C ILE C 252 17.90 24.08 14.34
N SER C 253 18.30 23.52 13.20
CA SER C 253 19.05 22.26 13.14
C SER C 253 20.35 22.22 13.96
N LYS C 254 21.09 23.33 13.95
CA LYS C 254 22.39 23.44 14.66
C LYS C 254 23.50 22.53 14.10
N ARG C 255 23.14 21.68 13.14
CA ARG C 255 24.08 20.75 12.49
C ARG C 255 24.35 21.17 11.05
N LYS C 256 25.64 21.36 10.72
CA LYS C 256 26.09 21.73 9.38
C LYS C 256 25.23 22.82 8.73
N ILE C 257 25.35 24.03 9.27
CA ILE C 257 24.54 25.16 8.85
C ILE C 257 25.35 26.20 8.08
N TRP C 258 24.72 26.85 7.12
CA TRP C 258 25.35 27.92 6.33
C TRP C 258 25.54 29.16 7.19
N SER C 259 26.72 29.74 7.16
CA SER C 259 27.02 30.96 7.91
C SER C 259 26.40 32.19 7.25
N HIS C 260 26.31 33.28 8.02
CA HIS C 260 25.67 34.53 7.57
C HIS C 260 26.28 35.12 6.30
N SER C 261 27.54 34.79 6.02
CA SER C 261 28.24 35.25 4.83
C SER C 261 27.89 34.39 3.61
N GLN C 262 27.77 33.08 3.82
CA GLN C 262 27.44 32.12 2.76
C GLN C 262 25.97 32.22 2.31
N VAL C 263 25.13 32.71 3.21
CA VAL C 263 23.72 32.95 2.91
C VAL C 263 23.57 34.24 2.09
N ALA C 264 24.31 35.28 2.50
CA ALA C 264 24.25 36.59 1.85
C ALA C 264 24.82 36.60 0.42
N GLN C 265 25.74 35.68 0.16
CA GLN C 265 26.34 35.54 -1.18
C GLN C 265 25.35 35.00 -2.21
N LYS C 266 24.44 34.15 -1.74
CA LYS C 266 23.38 33.60 -2.60
C LYS C 266 22.12 34.47 -2.56
N ARG C 267 21.71 34.84 -1.34
CA ARG C 267 20.55 35.71 -1.13
C ARG C 267 20.88 36.82 -0.13
N SER C 268 21.14 38.03 -0.66
CA SER C 268 21.48 39.19 0.17
C SER C 268 20.25 39.97 0.64
N ASP C 269 19.11 39.71 0.00
CA ASP C 269 17.86 40.40 0.29
C ASP C 269 17.17 39.90 1.57
N ILE C 270 17.50 38.68 1.98
CA ILE C 270 16.80 38.01 3.08
C ILE C 270 17.43 38.23 4.45
N LYS C 271 16.66 37.92 5.49
CA LYS C 271 17.12 37.93 6.87
C LYS C 271 17.33 36.51 7.35
N TYR C 272 18.45 36.27 8.03
CA TYR C 272 18.86 34.93 8.43
C TYR C 272 18.91 34.76 9.94
N PHE C 273 18.17 33.80 10.46
CA PHE C 273 18.07 33.56 11.91
C PHE C 273 18.36 32.11 12.31
N PRO C 274 19.63 31.78 12.60
CA PRO C 274 19.94 30.51 13.25
C PRO C 274 20.13 30.69 14.75
N PHE C 275 19.54 29.79 15.54
CA PHE C 275 19.61 29.92 17.01
C PHE C 275 19.66 28.60 17.77
N ASP C 276 20.32 28.65 18.94
CA ASP C 276 20.28 27.57 19.91
C ASP C 276 19.57 28.09 21.16
N LEU C 277 18.41 27.53 21.46
CA LEU C 277 17.59 27.98 22.58
C LEU C 277 18.32 27.91 23.91
N LEU C 278 19.07 26.84 24.12
CA LEU C 278 19.82 26.62 25.36
C LEU C 278 21.01 27.57 25.53
N GLU C 279 21.45 28.16 24.42
CA GLU C 279 22.53 29.14 24.43
C GLU C 279 22.00 30.56 24.66
N GLU C 280 20.77 30.81 24.21
CA GLU C 280 20.12 32.10 24.39
C GLU C 280 19.74 32.37 25.85
N PHE C 281 19.46 31.29 26.58
CA PHE C 281 19.23 31.36 28.03
C PHE C 281 20.51 31.72 28.77
N ASN C 282 21.65 31.26 28.23
CA ASN C 282 22.96 31.61 28.78
C ASN C 282 23.30 33.09 28.60
N ARG C 283 22.70 33.70 27.58
CA ARG C 283 22.87 35.14 27.33
C ARG C 283 21.89 35.96 28.18
N ASP C 284 20.64 35.51 28.23
CA ASP C 284 19.62 36.13 29.07
C ASP C 284 18.86 35.07 29.87
N ASN C 285 19.05 35.09 31.19
CA ASN C 285 18.50 34.06 32.07
C ASN C 285 17.01 34.21 32.41
N GLN C 286 16.33 35.13 31.72
CA GLN C 286 14.91 35.35 31.94
C GLN C 286 14.09 35.02 30.69
N LEU C 287 14.77 34.55 29.64
CA LEU C 287 14.15 34.29 28.33
C LEU C 287 12.98 33.29 28.38
N TYR C 288 13.14 32.22 29.15
CA TYR C 288 12.07 31.23 29.32
C TYR C 288 10.86 31.82 30.03
N TYR C 289 11.11 32.74 30.95
CA TYR C 289 10.05 33.44 31.66
C TYR C 289 9.34 34.45 30.76
N GLN C 290 10.09 35.06 29.83
CA GLN C 290 9.54 36.03 28.88
C GLN C 290 8.59 35.37 27.88
N ILE C 291 9.01 34.22 27.35
CA ILE C 291 8.25 33.49 26.32
C ILE C 291 6.99 32.83 26.92
N TRP C 292 7.13 32.26 28.11
CA TRP C 292 6.01 31.58 28.77
C TRP C 292 4.86 32.52 29.17
N LYS C 293 5.20 33.78 29.45
CA LYS C 293 4.22 34.80 29.86
C LYS C 293 3.11 35.03 28.83
N LYS C 294 3.41 34.77 27.56
CA LYS C 294 2.45 34.95 26.48
C LYS C 294 1.75 33.66 26.07
N LEU C 295 2.46 32.53 26.23
CA LEU C 295 1.91 31.22 25.90
C LEU C 295 0.91 30.72 26.94
N ILE C 296 1.12 31.14 28.20
CA ILE C 296 0.27 30.70 29.32
C ILE C 296 -1.23 30.99 29.07
N GLN C 297 -1.52 32.18 28.54
CA GLN C 297 -2.91 32.59 28.27
C GLN C 297 -3.52 31.85 27.06
N CYS C 298 -2.67 31.26 26.24
CA CYS C 298 -3.12 30.48 25.08
C CYS C 298 -3.52 29.06 25.46
N PHE C 299 -2.84 28.49 26.46
CA PHE C 299 -3.11 27.12 26.89
C PHE C 299 -4.16 27.01 28.00
N GLU C 300 -4.26 28.04 28.84
CA GLU C 300 -5.28 28.10 29.89
C GLU C 300 -6.69 28.15 29.30
N ASN C 301 -6.81 28.78 28.14
CA ASN C 301 -7.99 28.71 27.30
C ASN C 301 -7.75 27.67 26.20
N LYS C 302 -8.78 27.36 25.43
CA LYS C 302 -8.60 26.43 24.30
C LYS C 302 -8.21 27.18 23.02
N GLU C 303 -7.07 27.88 23.10
CA GLU C 303 -6.49 28.59 21.97
C GLU C 303 -5.28 27.86 21.41
N LEU C 304 -4.55 27.19 22.31
CA LEU C 304 -3.49 26.26 21.91
C LEU C 304 -3.61 24.96 22.71
N HIS C 305 -3.16 23.87 22.11
CA HIS C 305 -3.31 22.53 22.69
C HIS C 305 -1.97 21.82 22.81
N PRO C 306 -1.87 20.84 23.75
CA PRO C 306 -0.71 19.95 23.80
C PRO C 306 -0.60 19.10 22.53
N LEU C 307 0.60 18.64 22.21
CA LEU C 307 0.83 17.86 20.99
C LEU C 307 0.36 16.42 21.12
N VAL C 308 0.06 15.80 19.98
CA VAL C 308 -0.21 14.37 19.90
C VAL C 308 1.04 13.64 20.42
N TYR C 309 0.83 12.66 21.29
CA TYR C 309 1.93 11.95 21.94
C TYR C 309 1.74 10.44 21.97
N LYS C 310 2.85 9.72 22.09
CA LYS C 310 2.84 8.31 22.42
C LYS C 310 3.58 8.12 23.74
N THR C 311 3.01 7.30 24.63
CA THR C 311 3.56 7.08 25.96
C THR C 311 4.35 5.77 26.03
N PHE C 312 5.58 5.86 26.53
CA PHE C 312 6.39 4.69 26.83
C PHE C 312 6.80 4.69 28.31
N PRO C 313 6.56 3.56 29.01
CA PRO C 313 6.98 3.43 30.42
C PRO C 313 8.50 3.46 30.60
N ASN C 314 8.92 3.76 31.82
CA ASN C 314 10.34 3.85 32.21
C ASN C 314 11.19 2.61 31.86
N GLU C 315 10.60 1.44 32.02
CA GLU C 315 11.27 0.16 31.71
C GLU C 315 11.59 0.05 30.22
N ASP C 316 10.68 0.55 29.39
CA ASP C 316 10.83 0.47 27.94
C ASP C 316 11.50 1.72 27.38
N ILE C 317 12.61 2.13 28.00
CA ILE C 317 13.35 3.32 27.57
C ILE C 317 14.06 3.12 26.22
N VAL C 318 14.39 1.86 25.89
CA VAL C 318 15.06 1.52 24.65
C VAL C 318 14.10 1.63 23.46
N GLU C 319 12.85 1.19 23.67
CA GLU C 319 11.81 1.25 22.65
C GLU C 319 11.34 2.68 22.38
N ALA C 320 11.36 3.51 23.42
CA ALA C 320 11.01 4.93 23.30
C ALA C 320 12.01 5.69 22.42
N PHE C 321 13.30 5.50 22.69
CA PHE C 321 14.37 6.12 21.92
C PHE C 321 14.38 5.62 20.47
N ARG C 322 14.01 4.36 20.28
CA ARG C 322 13.97 3.73 18.96
C ARG C 322 12.77 4.21 18.13
N TYR C 323 11.65 4.44 18.80
CA TYR C 323 10.43 4.94 18.16
C TYR C 323 10.64 6.32 17.53
N LEU C 324 11.36 7.18 18.24
CA LEU C 324 11.71 8.51 17.76
C LEU C 324 12.80 8.45 16.68
N GLN C 325 13.69 7.46 16.80
CA GLN C 325 14.76 7.24 15.82
C GLN C 325 14.19 6.86 14.45
N ARG C 326 13.19 5.99 14.46
CA ARG C 326 12.56 5.49 13.23
C ARG C 326 11.74 6.57 12.51
N SER C 327 11.40 7.64 13.21
CA SER C 327 10.56 8.72 12.71
C SER C 327 9.18 8.19 12.26
N LYS C 328 8.60 7.32 13.08
CA LYS C 328 7.25 6.82 12.86
C LYS C 328 6.29 7.39 13.91
N HIS C 329 6.39 8.70 14.11
CA HIS C 329 5.59 9.40 15.11
C HIS C 329 5.05 10.72 14.57
N ILE C 330 4.00 11.22 15.21
CA ILE C 330 3.49 12.56 14.97
C ILE C 330 3.37 13.26 16.33
N GLY C 331 4.25 14.22 16.57
CA GLY C 331 4.29 14.95 17.83
C GLY C 331 5.45 14.55 18.73
N ARG C 332 5.14 14.13 19.95
CA ARG C 332 6.16 13.83 20.96
C ARG C 332 6.15 12.37 21.41
N VAL C 333 7.32 11.90 21.84
CA VAL C 333 7.47 10.60 22.49
C VAL C 333 7.84 10.85 23.94
N VAL C 334 6.91 10.56 24.85
CA VAL C 334 7.08 10.88 26.26
C VAL C 334 7.27 9.60 27.09
N VAL C 335 8.17 9.66 28.06
CA VAL C 335 8.45 8.54 28.94
C VAL C 335 7.91 8.85 30.34
N THR C 336 7.14 7.90 30.89
CA THR C 336 6.56 8.05 32.23
C THR C 336 7.52 7.55 33.31
N MET C 337 7.62 8.32 34.39
CA MET C 337 8.49 7.99 35.52
C MET C 337 7.68 7.59 36.75
N PRO C 338 8.17 6.60 37.52
CA PRO C 338 7.46 6.17 38.72
C PRO C 338 7.84 6.99 39.96
C ACT D . 6.88 -10.34 -34.83
O ACT D . 6.76 -10.76 -36.00
OXT ACT D . 7.59 -9.36 -34.54
CH3 ACT D . 6.15 -11.03 -33.73
PA NDP E . 11.62 -5.57 -27.03
O1A NDP E . 11.21 -4.17 -27.43
O2A NDP E . 11.02 -6.24 -25.83
O5B NDP E . 13.21 -5.57 -26.80
C5B NDP E . 14.06 -4.53 -27.28
C4B NDP E . 15.25 -4.47 -26.35
O4B NDP E . 16.39 -3.97 -27.06
C3B NDP E . 15.04 -3.53 -25.17
O3B NDP E . 14.58 -4.22 -24.00
C2B NDP E . 16.42 -2.99 -24.90
O2B NDP E . 17.00 -3.76 -23.87
C1B NDP E . 17.22 -3.23 -26.17
N9A NDP E . 17.61 -1.97 -26.81
C8A NDP E . 16.84 -0.89 -26.99
N7A NDP E . 17.54 0.09 -27.61
C5A NDP E . 18.78 -0.38 -27.85
C6A NDP E . 20.02 0.12 -28.47
N6A NDP E . 20.07 1.37 -29.00
N1A NDP E . 21.10 -0.70 -28.50
C2A NDP E . 21.08 -1.94 -27.98
N3A NDP E . 19.97 -2.46 -27.40
C4A NDP E . 18.82 -1.74 -27.31
O3 NDP E . 11.49 -6.52 -28.34
PN NDP E . 11.45 -8.13 -28.35
O1N NDP E . 12.28 -8.69 -27.23
O2N NDP E . 10.02 -8.56 -28.49
O5D NDP E . 12.20 -8.48 -29.72
C5D NDP E . 13.54 -8.06 -29.99
C4D NDP E . 13.81 -8.01 -31.49
O4D NDP E . 13.49 -9.26 -32.11
C3D NDP E . 12.94 -6.98 -32.20
O3D NDP E . 13.76 -6.36 -33.20
C2D NDP E . 11.83 -7.78 -32.83
O2D NDP E . 11.24 -7.16 -33.98
C1D NDP E . 12.53 -9.09 -33.16
N1N NDP E . 11.61 -10.22 -33.18
C2N NDP E . 11.70 -11.08 -34.21
C3N NDP E . 11.09 -12.33 -34.18
C7N NDP E . 11.42 -13.34 -35.23
O7N NDP E . 10.61 -14.20 -35.55
N7N NDP E . 12.62 -13.29 -35.81
C4N NDP E . 9.98 -12.58 -33.18
C5N NDP E . 10.05 -11.65 -32.06
C6N NDP E . 10.80 -10.46 -32.14
P2B NDP E . 18.20 -3.19 -22.98
O1X NDP E . 17.65 -1.94 -22.35
O2X NDP E . 18.44 -4.32 -22.03
O3X NDP E . 19.33 -2.97 -23.95
PA NDP F . -19.11 -1.27 10.22
O1A NDP F . -20.03 -0.15 10.70
O2A NDP F . -18.19 -1.95 11.19
O5B NDP F . -18.22 -0.71 9.01
C5B NDP F . -18.42 0.62 8.50
C4B NDP F . -17.06 1.17 8.11
O4B NDP F . -17.22 1.91 6.90
C3B NDP F . -16.48 2.12 9.14
O3B NDP F . -15.61 1.47 10.07
C2B NDP F . -15.67 3.08 8.29
O2B NDP F . -14.32 2.63 8.22
C1B NDP F . -16.27 2.98 6.90
N9A NDP F . -16.93 4.25 6.53
C8A NDP F . -17.74 4.98 7.31
N7A NDP F . -18.16 6.09 6.66
C5A NDP F . -17.61 6.06 5.43
C6A NDP F . -17.63 6.92 4.23
N6A NDP F . -18.35 8.06 4.21
N1A NDP F . -16.89 6.53 3.16
C2A NDP F . -16.16 5.39 3.15
N3A NDP F . -16.10 4.57 4.21
C4A NDP F . -16.79 4.85 5.35
O3 NDP F . -20.01 -2.37 9.46
PN NDP F . -19.47 -3.77 8.87
O1N NDP F . -18.00 -3.66 8.58
O2N NDP F . -19.98 -4.87 9.76
O5D NDP F . -20.26 -3.84 7.46
C5D NDP F . -19.88 -3.05 6.34
C4D NDP F . -20.99 -3.07 5.28
O4D NDP F . -21.24 -4.41 4.86
C3D NDP F . -22.32 -2.55 5.81
O3D NDP F . -22.93 -1.77 4.78
C2D NDP F . -23.15 -3.78 6.08
O2D NDP F . -24.56 -3.56 5.92
C1D NDP F . -22.62 -4.77 5.05
N1N NDP F . -22.73 -6.14 5.51
C2N NDP F . -23.36 -7.02 4.73
C3N NDP F . -23.43 -8.37 5.05
C7N NDP F . -23.90 -9.34 4.01
O7N NDP F . -24.34 -10.43 4.34
N7N NDP F . -23.80 -8.98 2.73
C4N NDP F . -22.91 -8.88 6.38
C5N NDP F . -22.24 -7.82 7.14
C6N NDP F . -22.27 -6.49 6.73
P2B NDP F . -13.12 3.65 7.89
O1X NDP F . -13.07 4.60 9.07
O2X NDP F . -11.97 2.70 7.79
O3X NDP F . -13.50 4.30 6.59
PA NDP G . 11.57 15.08 15.87
O1A NDP G . 12.32 13.76 15.93
O2A NDP G . 10.29 15.25 16.66
O5B NDP G . 11.28 15.43 14.33
C5B NDP G . 12.23 15.11 13.31
C4B NDP G . 11.46 14.97 12.00
O4B NDP G . 12.35 14.96 10.87
C3B NDP G . 10.70 13.66 11.92
O3B NDP G . 9.39 13.78 12.52
C2B NDP G . 10.58 13.42 10.44
O2B NDP G . 9.38 14.01 9.98
C1B NDP G . 11.75 14.19 9.82
N9A NDP G . 12.74 13.29 9.17
C8A NDP G . 13.20 12.10 9.63
N7A NDP G . 14.10 11.56 8.77
C5A NDP G . 14.22 12.40 7.72
C6A NDP G . 14.99 12.43 6.46
N6A NDP G . 15.84 11.42 6.14
N1A NDP G . 14.82 13.49 5.63
C2A NDP G . 13.99 14.51 5.94
N3A NDP G . 13.25 14.55 7.07
C4A NDP G . 13.32 13.54 7.99
O3 NDP G . 12.60 16.23 16.33
PN NDP G . 12.14 17.73 16.67
O1N NDP G . 10.96 18.10 15.80
O2N NDP G . 12.02 17.88 18.17
O5D NDP G . 13.42 18.57 16.19
C5D NDP G . 13.88 18.49 14.84
C4D NDP G . 15.22 19.21 14.73
O4D NDP G . 15.22 20.43 15.48
C3D NDP G . 16.36 18.36 15.26
O3D NDP G . 17.44 18.45 14.33
C2D NDP G . 16.75 19.02 16.58
O2D NDP G . 18.14 18.88 16.87
C1D NDP G . 16.35 20.46 16.36
N1N NDP G . 16.04 21.18 17.60
C2N NDP G . 16.39 22.47 17.65
C3N NDP G . 16.33 23.21 18.83
C7N NDP G . 16.95 24.59 18.86
O7N NDP G . 16.93 25.25 19.90
N7N NDP G . 17.54 25.05 17.77
C4N NDP G . 15.54 22.67 20.00
C5N NDP G . 15.10 21.28 19.79
C6N NDP G . 15.25 20.65 18.55
P2B NDP G . 8.60 13.51 8.66
O1X NDP G . 8.41 12.03 8.87
O2X NDP G . 7.32 14.32 8.73
O3X NDP G . 9.51 13.85 7.50
#